data_5LK8
#
_entry.id   5LK8
#
_cell.length_a   1.0
_cell.length_b   1.0
_cell.length_c   1.0
_cell.angle_alpha   90.0
_cell.angle_beta   90.0
_cell.angle_gamma   90.0
#
_symmetry.space_group_name_H-M   'P 1'
#
loop_
_entity.id
_entity.type
_entity.pdbx_description
1 polymer VP1
2 polymer VP2
3 polymer VP3
#
loop_
_entity_poly.entity_id
_entity_poly.type
_entity_poly.pdbx_seq_one_letter_code
_entity_poly.pdbx_strand_id
1 'polypeptide(L)'
;MERTFTPNVMQPTPLLPTTNDGRVTFGEAFNDLKDLARRYQLYWEGTILEGNLRAIRRNSALVQLPLYPHGLRIQPDVNN
PIWNIMRDGHIPVISSGFRYFRGGLRLRIVVEGLNSCVWVQHHPDRPSIFSRPIIGRYIAAKDAYRNHAYAAYVQNMSVN
RTIEVEVPFYQPGLYGMLNASDNNTANSFDRLRFTGLGDLLIGIEGEQPIPKEGIEISVYYSIADDFSFNIFCGFPPMVY
CDETYSAATPDLAQYFEDEVTIAQPE
;
A
2 'polypeptide(L)'
;MDRPEGSEERTVQTSNVVLGETNIESQDIASKEYSPTWDRLASSEVSDEYPMLTDRWLFWKSVKWEVNDSAFGKMLVQEK
FPQSWVQMDVNVNNIPRYTNIPNFIPFNIHQYMRADFEVKIYVNPNDFVSGWLIMAFLYQGSEMFDYKLRRNPAALMQMP
HVLVNVGAANEATLKIPYRYVRPFMRCKDILRGDNLITGVTEPLNMGVLFVEVLIPFRTSAASSAPKSLDVSLFVKMTNA
KFTGMVDGSIALLSKPIALPE
;
B
3 'polypeptide(L)'
;DNPPDPTPAKFFVPIPSHSWAHGTNTSEPTNTLRLDGGVVGVGRSDDIGTSDTAISGIIGVYGLLKPFDWNANDTGRNVG
GHLLWSMPVHPQVDKDQVIQVMTQSKLTQYYLPPISVVSSLYAYTRGSIKYKFLFGNNPRHNARLLVAYIPGISSDNRLT
LERARNSAHVVFSLNEVSEFVFTVPYITDTMWWPRKYGGPQAAGEFVAPSYICMFILNPLVAMESVPSIVTIVPMIAAGD
DFEVAVPAQPAVGLSRNIDVIYPKDSIISFKSGYFPVYVGSWHSFFDSTKAILRYGAVSDHIAQLGNIPANVNRKAFWIV
VGDTIKFKTKLDKINGTEWFIPEGEYTLGYGVVWRDGAYAYMVPYPLTPLGEKIAQYTASLLASNTAISQIRPYIPDYIV
DSAASKDNILWSPIEDRLRAQTEWVMAEPE
;
C
#
# COMPACT_ATOMS: atom_id res chain seq x y z
N THR A 13 20.59 23.93 -1.67
CA THR A 13 21.47 23.20 -2.57
C THR A 13 21.04 23.39 -4.03
N PRO A 14 21.95 23.13 -4.97
CA PRO A 14 21.59 23.20 -6.38
C PRO A 14 20.89 21.92 -6.85
N LEU A 15 20.01 22.09 -7.83
CA LEU A 15 19.21 20.99 -8.36
C LEU A 15 19.82 20.43 -9.65
N LEU A 16 19.54 19.15 -9.89
CA LEU A 16 20.08 18.44 -11.04
C LEU A 16 19.20 18.66 -12.26
N PRO A 17 19.74 19.12 -13.39
CA PRO A 17 18.91 19.37 -14.58
C PRO A 17 18.17 18.11 -15.03
N THR A 18 16.99 18.34 -15.61
CA THR A 18 16.02 17.27 -15.88
C THR A 18 16.34 16.55 -17.18
N THR A 19 15.84 15.31 -17.27
CA THR A 19 15.84 14.53 -18.51
C THR A 19 14.43 14.10 -18.91
N ASN A 20 13.41 14.72 -18.32
CA ASN A 20 12.02 14.45 -18.67
C ASN A 20 11.66 12.99 -18.40
N ASP A 21 12.01 12.51 -17.20
CA ASP A 21 11.78 11.13 -16.78
C ASP A 21 12.44 10.13 -17.74
N GLY A 22 13.52 10.55 -18.39
CA GLY A 22 14.29 9.68 -19.26
C GLY A 22 14.14 9.94 -20.74
N ARG A 23 13.25 10.84 -21.16
CA ARG A 23 13.06 11.08 -22.59
C ARG A 23 14.28 11.68 -23.26
N VAL A 24 15.22 12.24 -22.48
CA VAL A 24 16.37 12.89 -23.08
C VAL A 24 17.47 11.89 -23.41
N THR A 25 17.73 10.94 -22.53
CA THR A 25 18.81 9.98 -22.76
C THR A 25 18.31 8.74 -23.49
N PHE A 26 17.32 8.04 -22.93
CA PHE A 26 16.64 7.00 -23.69
C PHE A 26 15.60 7.68 -24.59
N GLY A 27 14.62 6.94 -25.08
CA GLY A 27 13.64 7.56 -25.96
C GLY A 27 12.28 7.87 -25.39
N GLU A 28 12.03 7.54 -24.12
CA GLU A 28 10.67 7.52 -23.60
C GLU A 28 10.62 8.08 -22.18
N ALA A 29 9.41 8.29 -21.69
CA ALA A 29 9.17 8.77 -20.34
C ALA A 29 8.80 7.60 -19.43
N PHE A 30 9.12 7.77 -18.13
CA PHE A 30 8.77 6.80 -17.09
C PHE A 30 8.34 7.59 -15.85
N ASN A 31 7.15 8.19 -15.91
CA ASN A 31 6.69 9.04 -14.82
C ASN A 31 5.48 8.48 -14.08
N ASP A 32 4.99 7.31 -14.47
CA ASP A 32 3.79 6.75 -13.84
C ASP A 32 3.98 5.28 -13.53
N LEU A 33 3.59 4.88 -12.32
CA LEU A 33 3.52 3.47 -11.97
C LEU A 33 2.35 2.78 -12.67
N LYS A 34 1.34 3.55 -13.06
CA LYS A 34 0.25 3.01 -13.86
C LYS A 34 0.72 2.45 -15.19
N ASP A 35 1.85 2.92 -15.70
CA ASP A 35 2.34 2.52 -17.00
C ASP A 35 3.10 1.22 -16.93
N LEU A 36 3.81 1.00 -15.83
CA LEU A 36 4.50 -0.26 -15.63
C LEU A 36 3.51 -1.38 -15.35
N ALA A 37 2.37 -1.06 -14.71
CA ALA A 37 1.31 -2.02 -14.45
C ALA A 37 0.51 -2.39 -15.69
N ARG A 38 0.80 -1.80 -16.86
CA ARG A 38 0.16 -2.20 -18.09
C ARG A 38 1.00 -3.16 -18.93
N ARG A 39 2.08 -3.68 -18.35
CA ARG A 39 2.93 -4.68 -19.01
C ARG A 39 2.62 -6.03 -18.37
N TYR A 40 2.17 -6.99 -19.20
CA TYR A 40 1.66 -8.26 -18.69
C TYR A 40 2.65 -8.96 -17.77
N GLN A 41 2.11 -9.77 -16.85
CA GLN A 41 2.90 -10.59 -15.95
C GLN A 41 2.10 -11.83 -15.63
N LEU A 42 2.79 -12.85 -15.13
CA LEU A 42 2.16 -14.15 -14.89
C LEU A 42 1.17 -14.04 -13.72
N TYR A 43 -0.09 -14.39 -13.98
CA TYR A 43 -1.14 -14.38 -12.96
C TYR A 43 -1.28 -15.71 -12.24
N TRP A 44 -1.39 -16.81 -12.99
CA TRP A 44 -1.49 -18.14 -12.42
C TRP A 44 -1.12 -19.13 -13.51
N GLU A 45 -0.54 -20.27 -13.10
CA GLU A 45 -0.18 -21.31 -14.04
C GLU A 45 -0.30 -22.65 -13.31
N GLY A 46 -0.79 -23.66 -14.01
CA GLY A 46 -0.98 -24.95 -13.39
C GLY A 46 -1.49 -25.95 -14.41
N THR A 47 -1.55 -27.21 -13.96
CA THR A 47 -1.93 -28.34 -14.79
C THR A 47 -3.22 -28.94 -14.28
N ILE A 48 -3.98 -29.55 -15.20
CA ILE A 48 -5.26 -30.18 -14.91
C ILE A 48 -5.23 -31.55 -15.58
N LEU A 49 -5.34 -32.61 -14.79
CA LEU A 49 -5.29 -33.95 -15.33
C LEU A 49 -6.69 -34.54 -15.44
N GLU A 50 -6.79 -35.67 -16.13
CA GLU A 50 -8.09 -36.18 -16.57
C GLU A 50 -8.94 -36.64 -15.40
N GLY A 51 -8.33 -37.34 -14.44
CA GLY A 51 -9.07 -37.73 -13.24
C GLY A 51 -9.43 -36.56 -12.36
N ASN A 52 -8.57 -35.54 -12.31
CA ASN A 52 -8.79 -34.35 -11.49
C ASN A 52 -10.03 -33.58 -11.91
N LEU A 53 -10.58 -33.89 -13.07
CA LEU A 53 -11.67 -33.19 -13.74
C LEU A 53 -12.99 -33.94 -13.49
N ARG A 54 -14.04 -33.60 -14.22
CA ARG A 54 -15.39 -34.05 -13.91
C ARG A 54 -15.82 -35.21 -14.81
N ALA A 55 -16.84 -35.95 -14.32
CA ALA A 55 -17.16 -37.27 -14.88
C ALA A 55 -18.06 -37.17 -16.11
N ILE A 56 -19.15 -36.40 -16.04
CA ILE A 56 -20.02 -36.18 -17.18
C ILE A 56 -19.74 -34.76 -17.64
N ARG A 57 -18.87 -34.65 -18.66
CA ARG A 57 -18.10 -33.43 -18.92
C ARG A 57 -18.18 -33.16 -20.41
N ARG A 58 -19.24 -32.46 -20.81
CA ARG A 58 -19.52 -32.18 -22.20
C ARG A 58 -19.50 -30.68 -22.52
N ASN A 59 -19.73 -29.83 -21.54
CA ASN A 59 -19.66 -28.38 -21.74
C ASN A 59 -19.31 -27.74 -20.39
N SER A 60 -18.14 -28.08 -19.85
CA SER A 60 -17.92 -27.97 -18.41
C SER A 60 -16.76 -27.04 -18.11
N ALA A 61 -16.77 -26.52 -16.89
CA ALA A 61 -15.75 -25.58 -16.44
C ALA A 61 -14.50 -26.33 -16.03
N LEU A 62 -13.36 -25.70 -16.26
CA LEU A 62 -12.05 -26.28 -16.04
C LEU A 62 -11.29 -25.61 -14.91
N VAL A 63 -11.41 -24.29 -14.82
CA VAL A 63 -10.83 -23.50 -13.73
C VAL A 63 -11.85 -22.43 -13.38
N GLN A 64 -11.92 -22.10 -12.10
CA GLN A 64 -12.68 -20.96 -11.60
C GLN A 64 -11.66 -20.01 -10.99
N LEU A 65 -11.33 -18.96 -11.72
CA LEU A 65 -10.13 -18.17 -11.46
C LEU A 65 -10.50 -16.82 -10.84
N PRO A 66 -10.39 -16.66 -9.53
CA PRO A 66 -10.77 -15.38 -8.91
C PRO A 66 -9.86 -14.26 -9.39
N LEU A 67 -10.48 -13.12 -9.73
CA LEU A 67 -9.79 -12.02 -10.39
C LEU A 67 -9.45 -10.93 -9.38
N TYR A 68 -8.17 -10.84 -9.02
CA TYR A 68 -7.66 -9.82 -8.11
C TYR A 68 -6.61 -8.97 -8.79
N PRO A 69 -6.69 -7.64 -8.68
CA PRO A 69 -5.59 -6.82 -9.20
C PRO A 69 -4.29 -7.06 -8.46
N HIS A 70 -4.34 -7.37 -7.16
CA HIS A 70 -3.14 -7.67 -6.39
C HIS A 70 -2.68 -9.11 -6.56
N GLY A 71 -3.21 -9.81 -7.57
CA GLY A 71 -2.80 -11.18 -7.83
C GLY A 71 -3.29 -12.15 -6.78
N LEU A 72 -2.99 -13.42 -7.03
CA LEU A 72 -3.36 -14.47 -6.10
C LEU A 72 -2.37 -14.52 -4.94
N ARG A 73 -2.71 -15.30 -3.92
CA ARG A 73 -1.78 -15.55 -2.83
C ARG A 73 -0.77 -16.57 -3.31
N ILE A 74 0.46 -16.13 -3.54
CA ILE A 74 1.43 -16.98 -4.23
C ILE A 74 1.81 -18.13 -3.32
N GLN A 75 1.65 -19.36 -3.82
CA GLN A 75 2.22 -20.53 -3.18
C GLN A 75 3.57 -20.81 -3.79
N PRO A 76 4.67 -20.60 -3.07
CA PRO A 76 5.99 -20.85 -3.66
C PRO A 76 6.42 -22.30 -3.48
N ASP A 77 6.69 -23.01 -4.58
CA ASP A 77 6.95 -24.44 -4.48
C ASP A 77 7.97 -24.85 -5.53
N VAL A 78 8.31 -26.14 -5.50
CA VAL A 78 9.51 -26.63 -6.16
C VAL A 78 9.31 -26.84 -7.67
N ASN A 79 8.12 -27.24 -8.12
CA ASN A 79 7.97 -27.67 -9.51
C ASN A 79 7.66 -26.53 -10.47
N ASN A 80 7.40 -25.32 -9.99
CA ASN A 80 7.48 -24.16 -10.88
C ASN A 80 8.13 -23.00 -10.12
N PRO A 81 9.37 -22.67 -10.44
CA PRO A 81 10.16 -21.78 -9.57
C PRO A 81 10.06 -20.31 -9.89
N ILE A 82 9.11 -19.86 -10.72
CA ILE A 82 8.96 -18.42 -10.93
C ILE A 82 8.42 -17.75 -9.69
N TRP A 83 7.70 -18.49 -8.84
CA TRP A 83 7.15 -17.92 -7.63
C TRP A 83 8.12 -18.00 -6.46
N ASN A 84 8.98 -19.02 -6.44
CA ASN A 84 9.91 -19.17 -5.33
C ASN A 84 10.92 -18.03 -5.31
N ILE A 85 11.54 -17.73 -6.45
CA ILE A 85 12.71 -16.86 -6.46
C ILE A 85 12.38 -15.45 -6.93
N MET A 86 11.38 -15.30 -7.80
CA MET A 86 10.93 -13.97 -8.19
C MET A 86 9.85 -13.41 -7.28
N ARG A 87 9.30 -14.24 -6.39
CA ARG A 87 8.12 -13.90 -5.60
C ARG A 87 7.01 -13.51 -6.59
N ASP A 88 6.27 -12.45 -6.37
CA ASP A 88 5.23 -12.04 -7.29
C ASP A 88 5.69 -10.81 -8.07
N GLY A 89 4.97 -10.53 -9.14
CA GLY A 89 5.49 -9.58 -10.12
C GLY A 89 5.39 -8.15 -9.64
N HIS A 90 5.60 -7.25 -10.60
CA HIS A 90 5.50 -5.82 -10.33
C HIS A 90 4.07 -5.37 -10.03
N ILE A 91 3.07 -6.14 -10.44
CA ILE A 91 1.68 -5.69 -10.29
C ILE A 91 1.18 -5.96 -8.86
N PRO A 92 1.42 -7.13 -8.26
CA PRO A 92 1.09 -7.27 -6.84
C PRO A 92 1.82 -6.27 -5.96
N VAL A 93 3.07 -5.92 -6.31
CA VAL A 93 3.85 -5.00 -5.48
C VAL A 93 3.30 -3.58 -5.56
N ILE A 94 3.00 -3.11 -6.77
CA ILE A 94 2.40 -1.77 -6.88
C ILE A 94 1.01 -1.74 -6.25
N SER A 95 0.27 -2.85 -6.33
CA SER A 95 -1.09 -2.86 -5.81
C SER A 95 -1.13 -2.77 -4.29
N SER A 96 -0.14 -3.36 -3.59
CA SER A 96 -0.18 -3.37 -2.13
C SER A 96 -0.10 -1.97 -1.54
N GLY A 97 0.42 -1.00 -2.28
CA GLY A 97 0.52 0.35 -1.76
C GLY A 97 -0.77 1.16 -1.78
N PHE A 98 -1.83 0.64 -2.37
CA PHE A 98 -3.06 1.40 -2.55
C PHE A 98 -4.22 0.66 -1.91
N ARG A 99 -5.25 1.42 -1.52
CA ARG A 99 -6.35 0.80 -0.80
C ARG A 99 -7.47 0.36 -1.74
N TYR A 100 -7.85 1.19 -2.71
CA TYR A 100 -8.93 0.84 -3.62
C TYR A 100 -8.48 0.98 -5.06
N PHE A 101 -9.33 0.49 -5.96
CA PHE A 101 -9.11 0.52 -7.39
C PHE A 101 -10.47 0.58 -8.08
N ARG A 102 -10.51 1.21 -9.25
CA ARG A 102 -11.73 1.20 -10.05
C ARG A 102 -11.34 1.00 -11.51
N GLY A 103 -11.35 -0.25 -11.95
CA GLY A 103 -11.10 -0.53 -13.36
C GLY A 103 -11.30 -1.99 -13.66
N GLY A 104 -10.88 -2.38 -14.86
CA GLY A 104 -10.88 -3.77 -15.28
C GLY A 104 -9.49 -4.35 -15.43
N LEU A 105 -9.46 -5.64 -15.80
CA LEU A 105 -8.22 -6.32 -16.12
C LEU A 105 -8.13 -6.65 -17.60
N ARG A 106 -6.91 -6.93 -18.03
CA ARG A 106 -6.63 -7.55 -19.32
C ARG A 106 -5.96 -8.88 -19.05
N LEU A 107 -6.42 -9.93 -19.71
CA LEU A 107 -5.89 -11.27 -19.48
C LEU A 107 -5.33 -11.84 -20.77
N ARG A 108 -4.44 -12.82 -20.62
CA ARG A 108 -4.02 -13.68 -21.72
C ARG A 108 -3.97 -15.11 -21.20
N ILE A 109 -4.89 -15.95 -21.67
CA ILE A 109 -4.95 -17.33 -21.25
C ILE A 109 -4.38 -18.18 -22.37
N VAL A 110 -3.26 -18.84 -22.10
CA VAL A 110 -2.56 -19.66 -23.06
C VAL A 110 -2.71 -21.11 -22.59
N VAL A 111 -3.70 -21.81 -23.14
CA VAL A 111 -4.04 -23.16 -22.68
C VAL A 111 -3.47 -24.16 -23.68
N GLU A 112 -2.52 -24.96 -23.20
CA GLU A 112 -1.73 -25.88 -24.01
C GLU A 112 -2.29 -27.29 -23.97
N GLY A 113 -2.03 -28.04 -25.03
CA GLY A 113 -2.40 -29.45 -25.10
C GLY A 113 -3.89 -29.72 -25.20
N LEU A 114 -4.61 -28.91 -25.98
CA LEU A 114 -6.06 -29.04 -26.13
C LEU A 114 -6.42 -28.42 -27.46
N ASN A 115 -7.28 -29.10 -28.23
CA ASN A 115 -7.33 -28.87 -29.67
C ASN A 115 -8.68 -28.43 -30.25
N SER A 116 -9.70 -28.17 -29.44
CA SER A 116 -11.04 -27.93 -29.99
C SER A 116 -11.51 -26.50 -29.75
N CYS A 117 -11.90 -26.16 -28.52
CA CYS A 117 -12.54 -24.89 -28.23
C CYS A 117 -12.47 -24.66 -26.73
N VAL A 118 -12.31 -23.40 -26.33
CA VAL A 118 -12.13 -23.07 -24.92
C VAL A 118 -12.96 -21.83 -24.57
N TRP A 119 -14.19 -22.03 -24.10
CA TRP A 119 -15.02 -20.91 -23.68
C TRP A 119 -14.49 -20.28 -22.40
N VAL A 120 -14.52 -18.95 -22.34
CA VAL A 120 -14.12 -18.18 -21.17
C VAL A 120 -15.26 -17.26 -20.77
N GLN A 121 -15.83 -17.46 -19.58
CA GLN A 121 -16.95 -16.66 -19.09
C GLN A 121 -16.56 -15.82 -17.88
N HIS A 122 -17.18 -14.65 -17.78
CA HIS A 122 -16.94 -13.70 -16.69
C HIS A 122 -18.22 -13.56 -15.87
N HIS A 123 -18.14 -13.94 -14.59
CA HIS A 123 -19.27 -13.81 -13.66
C HIS A 123 -19.11 -12.60 -12.75
N PRO A 124 -19.59 -11.41 -13.13
CA PRO A 124 -19.27 -10.21 -12.34
C PRO A 124 -20.04 -10.12 -11.03
N ASP A 125 -21.13 -10.87 -10.86
CA ASP A 125 -21.86 -10.86 -9.60
C ASP A 125 -21.64 -12.20 -8.91
N ARG A 126 -20.46 -12.34 -8.31
CA ARG A 126 -20.07 -13.53 -7.56
C ARG A 126 -19.20 -12.99 -6.44
N PRO A 127 -19.29 -13.52 -5.23
CA PRO A 127 -18.48 -13.01 -4.13
C PRO A 127 -17.05 -13.51 -4.24
N SER A 128 -16.16 -12.84 -3.52
CA SER A 128 -14.74 -13.18 -3.53
C SER A 128 -14.49 -14.16 -2.39
N ILE A 129 -14.70 -15.44 -2.68
CA ILE A 129 -14.79 -16.45 -1.63
C ILE A 129 -13.43 -17.05 -1.33
N PHE A 130 -12.62 -17.24 -2.36
CA PHE A 130 -11.35 -17.94 -2.26
C PHE A 130 -10.22 -16.99 -2.64
N SER A 131 -9.01 -17.36 -2.22
CA SER A 131 -7.81 -16.65 -2.64
C SER A 131 -6.93 -17.55 -3.49
N ARG A 132 -7.40 -18.74 -3.81
CA ARG A 132 -6.75 -19.72 -4.68
C ARG A 132 -7.68 -20.03 -5.84
N PRO A 133 -7.18 -20.62 -6.92
CA PRO A 133 -8.07 -21.09 -7.98
C PRO A 133 -8.58 -22.50 -7.72
N ILE A 134 -9.81 -22.74 -8.17
CA ILE A 134 -10.48 -24.01 -8.00
C ILE A 134 -10.38 -24.80 -9.30
N ILE A 135 -9.91 -26.04 -9.22
CA ILE A 135 -9.59 -26.83 -10.40
C ILE A 135 -10.68 -27.86 -10.64
N GLY A 136 -11.11 -27.95 -11.90
CA GLY A 136 -11.90 -29.09 -12.36
C GLY A 136 -13.16 -29.38 -11.55
N ARG A 137 -13.27 -30.63 -11.11
CA ARG A 137 -14.47 -31.15 -10.46
C ARG A 137 -14.93 -30.26 -9.31
N TYR A 138 -14.02 -29.93 -8.39
CA TYR A 138 -14.37 -29.15 -7.21
C TYR A 138 -15.07 -27.83 -7.50
N ILE A 139 -15.03 -27.34 -8.75
CA ILE A 139 -15.77 -26.14 -9.10
C ILE A 139 -17.22 -26.32 -8.70
N ALA A 140 -17.80 -25.28 -8.11
CA ALA A 140 -19.10 -25.41 -7.45
C ALA A 140 -20.16 -25.89 -8.44
N ALA A 141 -21.30 -26.29 -7.89
CA ALA A 141 -22.33 -26.91 -8.71
C ALA A 141 -22.86 -25.95 -9.78
N LYS A 142 -22.88 -24.65 -9.48
CA LYS A 142 -23.52 -23.69 -10.37
C LYS A 142 -22.56 -22.92 -11.25
N ASP A 143 -21.25 -23.14 -11.11
CA ASP A 143 -20.27 -22.64 -12.05
C ASP A 143 -19.67 -23.77 -12.87
N ALA A 144 -20.21 -24.98 -12.74
CA ALA A 144 -19.59 -26.17 -13.30
C ALA A 144 -19.78 -26.29 -14.80
N TYR A 145 -20.63 -25.47 -15.40
CA TYR A 145 -20.88 -25.53 -16.83
C TYR A 145 -21.01 -24.11 -17.33
N ARG A 146 -21.00 -23.95 -18.65
CA ARG A 146 -21.14 -22.61 -19.20
C ARG A 146 -22.56 -22.14 -18.99
N ASN A 147 -22.70 -20.92 -18.50
CA ASN A 147 -24.01 -20.34 -18.23
C ASN A 147 -24.52 -19.65 -19.48
N HIS A 148 -25.76 -19.19 -19.42
CA HIS A 148 -26.29 -18.36 -20.48
C HIS A 148 -26.02 -16.89 -20.16
N ALA A 149 -25.98 -16.08 -21.22
CA ALA A 149 -26.11 -14.63 -21.11
C ALA A 149 -24.99 -13.95 -20.33
N TYR A 150 -24.03 -14.70 -19.80
CA TYR A 150 -22.83 -14.08 -19.28
C TYR A 150 -21.88 -13.79 -20.43
N ALA A 151 -21.09 -12.73 -20.27
CA ALA A 151 -20.13 -12.40 -21.31
C ALA A 151 -19.15 -13.55 -21.44
N ALA A 152 -19.04 -14.09 -22.65
CA ALA A 152 -18.23 -15.27 -22.89
C ALA A 152 -17.44 -15.04 -24.16
N TYR A 153 -16.52 -15.96 -24.41
CA TYR A 153 -15.69 -15.86 -25.62
C TYR A 153 -15.14 -17.23 -25.91
N VAL A 154 -15.53 -17.83 -27.03
CA VAL A 154 -15.06 -19.14 -27.44
C VAL A 154 -13.94 -18.94 -28.43
N GLN A 155 -12.85 -19.70 -28.27
CA GLN A 155 -11.77 -19.68 -29.25
C GLN A 155 -11.35 -21.11 -29.57
N ASN A 156 -11.35 -21.43 -30.86
CA ASN A 156 -10.83 -22.71 -31.33
C ASN A 156 -9.32 -22.72 -31.18
N MET A 157 -8.79 -23.72 -30.48
CA MET A 157 -7.37 -23.76 -30.16
C MET A 157 -6.49 -24.20 -31.34
N SER A 158 -7.07 -24.75 -32.41
CA SER A 158 -6.25 -25.07 -33.58
C SER A 158 -5.87 -23.82 -34.35
N VAL A 159 -6.75 -22.81 -34.36
CA VAL A 159 -6.49 -21.58 -35.10
C VAL A 159 -5.43 -20.75 -34.38
N ASN A 160 -5.54 -20.65 -33.06
CA ASN A 160 -4.71 -19.80 -32.23
C ASN A 160 -4.82 -20.33 -30.80
N ARG A 161 -3.69 -20.41 -30.10
CA ARG A 161 -3.66 -20.96 -28.76
C ARG A 161 -3.64 -19.88 -27.68
N THR A 162 -3.85 -18.62 -28.05
CA THR A 162 -3.80 -17.52 -27.10
C THR A 162 -5.13 -16.77 -27.12
N ILE A 163 -5.74 -16.63 -25.96
CA ILE A 163 -6.98 -15.88 -25.80
C ILE A 163 -6.65 -14.53 -25.17
N GLU A 164 -7.07 -13.45 -25.81
CA GLU A 164 -6.90 -12.11 -25.28
C GLU A 164 -8.28 -11.57 -24.93
N VAL A 165 -8.49 -11.29 -23.65
CA VAL A 165 -9.80 -10.87 -23.14
C VAL A 165 -9.58 -9.69 -22.19
N GLU A 166 -10.56 -8.80 -22.15
CA GLU A 166 -10.57 -7.73 -21.17
C GLU A 166 -11.83 -7.85 -20.32
N VAL A 167 -11.64 -8.02 -19.02
CA VAL A 167 -12.73 -8.14 -18.05
C VAL A 167 -13.13 -6.74 -17.61
N PRO A 168 -14.40 -6.38 -17.66
CA PRO A 168 -14.82 -5.04 -17.24
C PRO A 168 -15.06 -4.96 -15.75
N PHE A 169 -15.18 -3.73 -15.26
CA PHE A 169 -15.54 -3.45 -13.87
C PHE A 169 -17.06 -3.34 -13.80
N TYR A 170 -17.73 -4.46 -13.52
CA TYR A 170 -19.18 -4.52 -13.36
C TYR A 170 -19.44 -4.85 -11.89
N GLN A 171 -19.61 -3.83 -11.07
CA GLN A 171 -19.71 -4.13 -9.65
C GLN A 171 -20.14 -2.83 -8.96
N PRO A 172 -21.00 -2.89 -7.94
CA PRO A 172 -21.86 -1.75 -7.62
C PRO A 172 -21.30 -0.69 -6.68
N GLY A 173 -20.13 -0.90 -6.07
CA GLY A 173 -19.62 0.05 -5.11
C GLY A 173 -18.85 1.19 -5.75
N LEU A 174 -18.48 2.16 -4.92
CA LEU A 174 -17.63 3.25 -5.37
C LEU A 174 -16.24 2.75 -5.73
N TYR A 175 -15.83 1.63 -5.15
CA TYR A 175 -14.49 1.08 -5.34
C TYR A 175 -14.57 -0.42 -5.39
N GLY A 176 -13.44 -1.02 -5.70
CA GLY A 176 -13.21 -2.43 -5.45
C GLY A 176 -12.01 -2.50 -4.54
N MET A 177 -12.04 -3.43 -3.59
CA MET A 177 -11.01 -3.45 -2.56
C MET A 177 -9.79 -4.20 -3.05
N LEU A 178 -8.65 -3.52 -3.00
CA LEU A 178 -7.35 -4.16 -3.11
C LEU A 178 -6.97 -4.73 -1.75
N ASN A 179 -6.03 -5.66 -1.75
CA ASN A 179 -5.46 -6.17 -0.51
C ASN A 179 -6.51 -6.85 0.37
N ALA A 180 -7.55 -7.42 -0.24
CA ALA A 180 -8.63 -8.03 0.53
C ALA A 180 -8.14 -9.35 1.14
N SER A 181 -9.01 -9.98 1.93
CA SER A 181 -8.64 -11.24 2.57
C SER A 181 -9.61 -12.37 2.21
N LEU A 192 -22.41 -9.73 2.01
CA LEU A 192 -22.18 -9.90 0.59
C LEU A 192 -20.72 -10.29 0.27
N ARG A 193 -19.78 -9.45 0.71
CA ARG A 193 -18.36 -9.52 0.32
C ARG A 193 -18.19 -9.38 -1.20
N PHE A 194 -18.64 -8.25 -1.73
CA PHE A 194 -18.54 -7.93 -3.15
C PHE A 194 -17.26 -7.17 -3.50
N THR A 195 -16.11 -7.63 -3.05
CA THR A 195 -14.95 -6.77 -2.98
C THR A 195 -14.36 -6.42 -4.35
N GLY A 196 -14.58 -7.27 -5.36
CA GLY A 196 -13.80 -7.15 -6.59
C GLY A 196 -14.58 -7.41 -7.85
N LEU A 197 -13.89 -7.90 -8.89
CA LEU A 197 -14.49 -8.31 -10.15
C LEU A 197 -14.44 -9.83 -10.19
N GLY A 198 -15.60 -10.47 -10.03
CA GLY A 198 -15.70 -11.88 -9.70
C GLY A 198 -15.03 -12.90 -10.60
N ASP A 199 -15.28 -14.18 -10.32
CA ASP A 199 -14.64 -15.28 -11.04
C ASP A 199 -14.67 -15.13 -12.55
N LEU A 200 -13.56 -15.54 -13.17
CA LEU A 200 -13.50 -15.86 -14.58
C LEU A 200 -13.48 -17.38 -14.71
N LEU A 201 -14.22 -17.91 -15.69
CA LEU A 201 -14.33 -19.36 -15.85
C LEU A 201 -13.82 -19.80 -17.22
N ILE A 202 -12.98 -20.82 -17.23
CA ILE A 202 -12.33 -21.37 -18.42
C ILE A 202 -12.80 -22.82 -18.56
N GLY A 203 -13.19 -23.21 -19.77
CA GLY A 203 -13.72 -24.55 -19.94
C GLY A 203 -13.68 -25.04 -21.38
N ILE A 204 -13.81 -26.37 -21.52
CA ILE A 204 -13.83 -27.06 -22.80
C ILE A 204 -15.26 -27.11 -23.30
N GLU A 205 -15.43 -27.14 -24.63
CA GLU A 205 -16.75 -27.01 -25.25
C GLU A 205 -17.33 -28.32 -25.78
N GLY A 206 -16.59 -29.42 -25.71
CA GLY A 206 -17.12 -30.66 -26.25
C GLY A 206 -16.38 -31.86 -25.71
N GLU A 207 -16.76 -33.03 -26.21
CA GLU A 207 -15.99 -34.24 -25.95
C GLU A 207 -14.58 -34.07 -26.50
N GLN A 208 -13.59 -34.36 -25.66
CA GLN A 208 -12.19 -34.18 -26.00
C GLN A 208 -11.39 -35.33 -25.41
N PRO A 209 -10.23 -35.65 -25.99
CA PRO A 209 -9.28 -36.53 -25.31
C PRO A 209 -8.34 -35.75 -24.40
N ILE A 210 -8.54 -35.83 -23.09
CA ILE A 210 -7.64 -35.18 -22.15
C ILE A 210 -6.36 -36.00 -22.14
N PRO A 211 -5.26 -35.48 -22.70
CA PRO A 211 -4.07 -36.31 -22.88
C PRO A 211 -3.43 -36.68 -21.56
N LYS A 212 -2.59 -37.71 -21.60
CA LYS A 212 -1.69 -37.96 -20.49
C LYS A 212 -0.77 -36.78 -20.32
N GLU A 213 -0.48 -36.44 -19.05
CA GLU A 213 0.16 -35.19 -18.63
C GLU A 213 -0.76 -33.99 -18.75
N GLY A 214 -2.07 -34.22 -18.79
CA GLY A 214 -3.11 -33.21 -18.64
C GLY A 214 -2.96 -32.07 -19.61
N ILE A 215 -3.31 -30.87 -19.13
CA ILE A 215 -3.20 -29.64 -19.90
C ILE A 215 -2.64 -28.56 -19.00
N GLU A 216 -1.87 -27.66 -19.58
CA GLU A 216 -1.30 -26.52 -18.87
C GLU A 216 -2.05 -25.26 -19.28
N ILE A 217 -2.44 -24.46 -18.28
CA ILE A 217 -3.01 -23.15 -18.52
C ILE A 217 -2.08 -22.11 -17.91
N SER A 218 -1.73 -21.10 -18.69
CA SER A 218 -0.99 -19.95 -18.20
C SER A 218 -1.86 -18.72 -18.38
N VAL A 219 -2.06 -17.97 -17.31
CA VAL A 219 -2.87 -16.76 -17.33
C VAL A 219 -1.95 -15.57 -17.03
N TYR A 220 -1.85 -14.65 -17.97
CA TYR A 220 -1.17 -13.39 -17.76
C TYR A 220 -2.21 -12.29 -17.63
N TYR A 221 -1.90 -11.26 -16.85
CA TYR A 221 -2.86 -10.19 -16.67
C TYR A 221 -2.14 -8.86 -16.61
N SER A 222 -2.92 -7.79 -16.80
CA SER A 222 -2.44 -6.45 -16.51
C SER A 222 -3.64 -5.56 -16.25
N ILE A 223 -3.34 -4.30 -16.06
CA ILE A 223 -4.33 -3.26 -15.87
C ILE A 223 -4.90 -2.86 -17.23
N ALA A 224 -6.17 -2.43 -17.24
CA ALA A 224 -6.76 -1.91 -18.47
C ALA A 224 -6.60 -0.40 -18.53
N ASP A 225 -6.98 0.19 -19.66
CA ASP A 225 -6.76 1.63 -19.79
C ASP A 225 -7.72 2.45 -18.93
N ASP A 226 -8.85 1.88 -18.52
CA ASP A 226 -9.80 2.58 -17.68
C ASP A 226 -9.61 2.25 -16.21
N PHE A 227 -8.44 1.74 -15.84
CA PHE A 227 -8.13 1.29 -14.49
C PHE A 227 -7.56 2.45 -13.67
N SER A 228 -7.65 2.31 -12.34
CA SER A 228 -7.01 3.25 -11.44
C SER A 228 -6.62 2.57 -10.14
N PHE A 229 -5.66 3.21 -9.45
CA PHE A 229 -5.35 2.94 -8.06
C PHE A 229 -5.72 4.21 -7.31
N ASN A 230 -6.31 4.07 -6.11
CA ASN A 230 -6.92 5.28 -5.59
C ASN A 230 -6.26 5.84 -4.33
N ILE A 231 -6.60 5.35 -3.14
CA ILE A 231 -6.11 5.98 -1.91
C ILE A 231 -4.82 5.31 -1.49
N PHE A 232 -3.74 6.09 -1.43
CA PHE A 232 -2.40 5.57 -1.16
C PHE A 232 -2.19 5.52 0.34
N CYS A 233 -2.28 4.32 0.90
CA CYS A 233 -1.72 4.09 2.23
C CYS A 233 -0.28 3.62 2.02
N GLY A 234 0.37 3.15 3.07
CA GLY A 234 1.74 2.72 2.94
C GLY A 234 1.89 1.40 2.22
N PHE A 235 3.13 1.11 1.85
CA PHE A 235 3.49 -0.24 1.45
C PHE A 235 3.57 -1.14 2.68
N PRO A 236 3.24 -2.41 2.54
CA PRO A 236 3.50 -3.35 3.62
C PRO A 236 4.98 -3.71 3.66
N PRO A 237 5.44 -4.40 4.70
CA PRO A 237 6.85 -4.80 4.71
C PRO A 237 7.14 -5.81 3.61
N MET A 238 8.29 -5.61 2.95
CA MET A 238 8.68 -6.40 1.79
C MET A 238 9.74 -7.42 2.19
N VAL A 239 10.00 -8.34 1.27
CA VAL A 239 11.16 -9.22 1.36
C VAL A 239 12.01 -9.03 0.11
N TYR A 240 13.31 -9.25 0.25
CA TYR A 240 14.23 -9.11 -0.86
C TYR A 240 14.36 -10.43 -1.63
N CYS A 241 14.39 -10.33 -2.95
CA CYS A 241 14.55 -11.52 -3.79
C CYS A 241 15.94 -12.15 -3.60
N ASP A 242 16.95 -11.35 -3.28
CA ASP A 242 18.34 -11.80 -3.33
C ASP A 242 18.71 -12.82 -2.26
N GLU A 243 17.89 -13.01 -1.22
CA GLU A 243 18.15 -14.03 -0.20
C GLU A 243 17.11 -15.13 -0.26
N THR A 244 16.71 -15.52 -1.48
CA THR A 244 15.81 -16.65 -1.62
C THR A 244 16.58 -17.98 -1.56
N TYR A 245 17.79 -18.01 -2.10
CA TYR A 245 18.72 -19.11 -1.89
C TYR A 245 19.63 -18.89 -0.67
N PRO B 36 -25.42 15.73 -9.32
CA PRO B 36 -24.60 14.64 -9.85
C PRO B 36 -23.30 14.40 -9.08
N THR B 37 -23.45 13.82 -7.89
CA THR B 37 -22.37 13.16 -7.18
C THR B 37 -22.94 11.89 -6.59
N TRP B 38 -22.06 10.96 -6.24
CA TRP B 38 -22.50 9.58 -6.14
C TRP B 38 -23.12 9.24 -4.80
N ASP B 39 -23.10 10.16 -3.83
CA ASP B 39 -23.95 9.97 -2.67
C ASP B 39 -25.42 10.18 -3.03
N ARG B 40 -25.71 11.07 -3.98
CA ARG B 40 -27.07 11.26 -4.47
C ARG B 40 -27.56 10.10 -5.32
N LEU B 41 -26.67 9.23 -5.79
CA LEU B 41 -27.04 8.06 -6.57
C LEU B 41 -27.30 6.82 -5.70
N ALA B 42 -27.31 6.96 -4.38
CA ALA B 42 -27.63 5.86 -3.49
C ALA B 42 -28.96 6.02 -2.76
N SER B 43 -29.47 7.24 -2.64
CA SER B 43 -30.62 7.52 -1.79
C SER B 43 -31.48 8.57 -2.47
N SER B 44 -32.76 8.23 -2.70
CA SER B 44 -33.67 9.21 -3.28
C SER B 44 -34.08 10.25 -2.26
N GLU B 45 -34.37 9.84 -1.02
CA GLU B 45 -34.63 10.79 0.04
C GLU B 45 -33.43 11.70 0.22
N VAL B 46 -33.70 12.99 0.41
CA VAL B 46 -32.63 13.97 0.58
C VAL B 46 -31.99 13.68 1.93
N SER B 47 -30.89 14.35 2.24
CA SER B 47 -30.22 14.12 3.51
C SER B 47 -30.75 15.04 4.60
N ASP B 48 -30.72 14.56 5.84
CA ASP B 48 -31.14 15.30 7.01
C ASP B 48 -29.89 15.81 7.68
N GLU B 49 -29.72 17.13 7.70
CA GLU B 49 -28.51 17.74 8.23
C GLU B 49 -28.91 18.63 9.41
N TYR B 50 -28.50 18.24 10.62
CA TYR B 50 -28.76 18.98 11.84
C TYR B 50 -27.43 19.50 12.36
N PRO B 51 -26.96 20.66 11.88
CA PRO B 51 -25.67 21.17 12.36
C PRO B 51 -25.72 21.75 13.76
N MET B 52 -26.91 22.05 14.28
CA MET B 52 -27.00 22.61 15.62
C MET B 52 -26.55 21.61 16.67
N LEU B 53 -26.84 20.32 16.47
CA LEU B 53 -26.47 19.31 17.45
C LEU B 53 -25.30 18.42 17.03
N THR B 54 -24.80 18.54 15.81
CA THR B 54 -23.49 17.98 15.48
C THR B 54 -22.46 19.11 15.34
N ASP B 55 -21.30 18.77 14.77
CA ASP B 55 -20.26 19.68 14.28
C ASP B 55 -19.56 20.48 15.40
N ARG B 56 -19.44 19.95 16.61
CA ARG B 56 -18.61 20.56 17.64
C ARG B 56 -17.66 19.53 18.25
N TRP B 57 -16.56 20.04 18.80
CA TRP B 57 -15.51 19.19 19.36
C TRP B 57 -16.01 18.40 20.55
N LEU B 58 -16.02 17.08 20.42
CA LEU B 58 -16.49 16.19 21.48
C LEU B 58 -15.29 15.45 22.06
N PHE B 59 -15.39 15.08 23.34
CA PHE B 59 -14.19 14.77 24.12
C PHE B 59 -13.66 13.34 23.89
N TRP B 60 -14.53 12.35 23.75
CA TRP B 60 -14.15 10.94 23.56
C TRP B 60 -13.27 10.49 24.74
N LYS B 61 -12.12 9.86 24.49
CA LYS B 61 -11.34 9.16 25.51
C LYS B 61 -10.18 10.00 26.01
N SER B 62 -9.67 9.61 27.18
CA SER B 62 -8.34 9.99 27.64
C SER B 62 -7.57 8.72 27.98
N VAL B 63 -6.32 8.62 27.50
CA VAL B 63 -5.49 7.45 27.70
C VAL B 63 -4.20 7.86 28.38
N LYS B 64 -3.66 6.96 29.19
CA LYS B 64 -2.51 7.21 30.06
C LYS B 64 -1.42 6.21 29.71
N TRP B 65 -0.27 6.70 29.23
CA TRP B 65 0.86 5.84 28.91
C TRP B 65 2.00 6.03 29.90
N GLU B 66 2.68 4.93 30.22
CA GLU B 66 3.63 4.80 31.31
C GLU B 66 5.06 5.04 30.83
N VAL B 67 5.93 5.39 31.77
CA VAL B 67 7.37 5.27 31.49
C VAL B 67 7.77 3.81 31.43
N ASN B 68 7.09 2.94 32.19
CA ASN B 68 7.56 1.58 32.42
C ASN B 68 7.16 0.59 31.33
N ASP B 69 6.17 0.90 30.49
CA ASP B 69 5.91 0.07 29.31
C ASP B 69 5.69 0.98 28.09
N SER B 70 6.67 1.82 27.81
CA SER B 70 6.64 2.66 26.60
C SER B 70 7.87 2.32 25.79
N ALA B 71 7.69 1.49 24.78
CA ALA B 71 8.75 1.05 23.89
C ALA B 71 8.44 1.56 22.49
N PHE B 72 9.30 1.22 21.54
CA PHE B 72 9.05 1.59 20.16
C PHE B 72 7.90 0.73 19.60
N GLY B 73 6.89 1.40 19.07
CA GLY B 73 5.72 0.70 18.56
C GLY B 73 4.73 0.23 19.60
N LYS B 74 4.65 0.91 20.74
CA LYS B 74 3.62 0.64 21.73
C LYS B 74 2.31 1.27 21.29
N MET B 75 1.22 0.49 21.33
CA MET B 75 -0.08 0.97 20.87
C MET B 75 -0.86 1.53 22.06
N LEU B 76 -1.04 2.85 22.08
CA LEU B 76 -1.89 3.45 23.10
C LEU B 76 -3.36 3.38 22.72
N VAL B 77 -3.69 3.65 21.45
CA VAL B 77 -5.06 3.64 20.95
C VAL B 77 -5.08 2.86 19.65
N GLN B 78 -5.96 1.86 19.56
CA GLN B 78 -6.14 1.05 18.35
C GLN B 78 -7.64 0.76 18.22
N GLU B 79 -8.37 1.66 17.57
CA GLU B 79 -9.82 1.64 17.58
C GLU B 79 -10.38 1.64 16.17
N LYS B 80 -11.53 0.98 16.01
CA LYS B 80 -12.31 1.09 14.78
C LYS B 80 -13.00 2.44 14.76
N PHE B 81 -12.67 3.29 13.80
CA PHE B 81 -13.16 4.66 13.81
C PHE B 81 -14.09 4.92 12.62
N PRO B 82 -15.16 5.71 12.81
CA PRO B 82 -15.64 6.40 14.01
C PRO B 82 -16.57 5.55 14.88
N GLN B 83 -16.53 4.23 14.74
CA GLN B 83 -17.40 3.37 15.53
C GLN B 83 -17.15 3.54 17.03
N SER B 84 -15.88 3.52 17.45
CA SER B 84 -15.58 3.63 18.87
C SER B 84 -15.92 5.01 19.42
N TRP B 85 -15.83 6.06 18.61
CA TRP B 85 -16.18 7.38 19.10
C TRP B 85 -17.69 7.53 19.30
N VAL B 86 -18.47 7.14 18.29
CA VAL B 86 -19.92 7.31 18.35
C VAL B 86 -20.55 6.36 19.37
N GLN B 87 -20.00 5.16 19.52
CA GLN B 87 -20.46 4.23 20.54
C GLN B 87 -19.68 4.33 21.85
N MET B 88 -19.08 5.48 22.13
CA MET B 88 -18.31 5.67 23.37
C MET B 88 -19.16 5.64 24.62
N ASP B 89 -20.48 5.76 24.51
CA ASP B 89 -21.37 5.80 25.67
C ASP B 89 -22.06 4.45 25.77
N VAL B 90 -21.91 3.80 26.92
CA VAL B 90 -22.30 2.40 27.08
C VAL B 90 -23.29 2.27 28.23
N ASN B 91 -24.05 1.18 28.19
CA ASN B 91 -25.06 0.87 29.18
C ASN B 91 -24.41 0.17 30.37
N VAL B 92 -25.25 -0.21 31.35
CA VAL B 92 -24.77 -1.08 32.41
C VAL B 92 -24.59 -2.51 31.90
N ASN B 93 -25.46 -2.94 30.98
CA ASN B 93 -25.28 -4.19 30.26
C ASN B 93 -24.42 -4.01 29.01
N ASN B 94 -23.85 -2.82 28.82
CA ASN B 94 -22.79 -2.55 27.84
C ASN B 94 -23.24 -2.48 26.39
N ILE B 95 -24.44 -2.03 26.12
CA ILE B 95 -24.90 -1.74 24.76
C ILE B 95 -24.85 -0.23 24.55
N PRO B 96 -24.15 0.27 23.53
CA PRO B 96 -24.10 1.71 23.31
C PRO B 96 -25.48 2.29 23.00
N ARG B 97 -25.75 3.47 23.57
CA ARG B 97 -26.99 4.19 23.34
C ARG B 97 -26.67 5.55 22.73
N TYR B 98 -27.15 5.78 21.51
CA TYR B 98 -26.98 7.07 20.86
C TYR B 98 -27.76 8.17 21.55
N THR B 99 -28.76 7.82 22.36
CA THR B 99 -29.74 8.77 22.86
C THR B 99 -29.14 9.85 23.78
N ASN B 100 -28.05 9.55 24.49
CA ASN B 100 -27.69 10.39 25.62
C ASN B 100 -26.85 11.62 25.27
N ILE B 101 -26.06 11.58 24.20
CA ILE B 101 -25.25 12.73 23.81
C ILE B 101 -25.98 13.48 22.71
N PRO B 102 -26.27 14.78 22.86
CA PRO B 102 -26.96 15.52 21.79
C PRO B 102 -26.23 15.49 20.45
N ASN B 103 -24.97 15.04 20.42
CA ASN B 103 -24.25 14.93 19.16
C ASN B 103 -24.66 13.68 18.38
N PHE B 104 -24.98 12.59 19.08
CA PHE B 104 -25.32 11.33 18.44
C PHE B 104 -26.82 11.11 18.36
N ILE B 105 -27.59 12.19 18.38
CA ILE B 105 -29.05 12.10 18.39
C ILE B 105 -29.53 11.66 17.00
N PRO B 106 -28.86 12.05 15.87
CA PRO B 106 -29.36 11.56 14.57
C PRO B 106 -28.93 10.13 14.29
N PHE B 107 -27.82 9.68 14.88
CA PHE B 107 -27.45 8.27 14.74
C PHE B 107 -28.47 7.34 15.35
N ASN B 108 -29.38 7.85 16.17
CA ASN B 108 -30.39 6.99 16.78
C ASN B 108 -31.57 6.75 15.85
N ILE B 109 -31.89 7.70 14.97
CA ILE B 109 -33.13 7.65 14.22
C ILE B 109 -32.93 7.45 12.72
N HIS B 110 -31.70 7.31 12.24
CA HIS B 110 -31.46 7.00 10.84
C HIS B 110 -30.78 5.64 10.73
N GLN B 111 -30.59 5.17 9.49
CA GLN B 111 -29.82 3.94 9.25
C GLN B 111 -28.63 4.11 8.32
N TYR B 112 -28.54 5.20 7.59
CA TYR B 112 -27.40 5.44 6.73
C TYR B 112 -26.86 6.82 7.02
N MET B 113 -25.54 6.95 6.98
CA MET B 113 -24.90 8.19 7.38
C MET B 113 -23.54 8.27 6.69
N ARG B 114 -23.05 9.50 6.55
CA ARG B 114 -21.83 9.80 5.84
C ARG B 114 -21.29 11.13 6.37
N ALA B 115 -20.00 11.19 6.69
CA ALA B 115 -19.48 12.42 7.29
C ALA B 115 -17.95 12.41 7.31
N ASP B 116 -17.37 13.60 7.18
CA ASP B 116 -15.94 13.82 7.32
C ASP B 116 -15.60 14.08 8.79
N PHE B 117 -14.43 13.62 9.20
CA PHE B 117 -14.02 13.69 10.60
C PHE B 117 -12.71 14.45 10.76
N GLU B 118 -12.39 14.76 12.01
CA GLU B 118 -11.12 15.37 12.42
C GLU B 118 -10.84 14.90 13.83
N VAL B 119 -9.68 14.31 14.06
CA VAL B 119 -9.29 13.87 15.39
C VAL B 119 -8.14 14.74 15.88
N LYS B 120 -8.40 15.49 16.94
CA LYS B 120 -7.38 16.24 17.65
C LYS B 120 -6.83 15.37 18.76
N ILE B 121 -5.52 15.41 18.97
CA ILE B 121 -4.90 14.73 20.10
C ILE B 121 -4.14 15.75 20.93
N TYR B 122 -4.44 15.76 22.23
CA TYR B 122 -3.79 16.63 23.18
C TYR B 122 -3.05 15.78 24.20
N VAL B 123 -1.78 16.08 24.42
CA VAL B 123 -1.01 15.46 25.48
C VAL B 123 -0.57 16.56 26.43
N ASN B 124 -0.34 16.20 27.68
CA ASN B 124 -0.26 17.30 28.64
C ASN B 124 1.19 17.64 28.93
N PRO B 125 1.59 18.90 28.78
CA PRO B 125 3.02 19.21 28.69
C PRO B 125 3.75 19.12 30.03
N ASN B 126 4.58 18.08 30.17
CA ASN B 126 5.51 17.97 31.28
C ASN B 126 6.91 18.23 30.75
N ASP B 127 7.63 19.17 31.36
CA ASP B 127 8.85 19.67 30.76
C ASP B 127 10.05 18.75 30.95
N PHE B 128 10.10 17.99 32.05
CA PHE B 128 11.29 17.22 32.39
C PHE B 128 11.32 15.84 31.74
N VAL B 129 10.29 15.48 30.96
CA VAL B 129 10.30 14.24 30.21
C VAL B 129 10.43 14.57 28.72
N SER B 130 10.62 13.52 27.92
CA SER B 130 10.51 13.67 26.46
C SER B 130 10.04 12.35 25.86
N GLY B 131 9.35 12.47 24.72
CA GLY B 131 8.81 11.33 24.01
C GLY B 131 7.96 11.85 22.87
N TRP B 132 7.58 10.94 21.98
CA TRP B 132 6.79 11.33 20.82
C TRP B 132 5.67 10.34 20.55
N LEU B 133 4.57 10.87 20.05
CA LEU B 133 3.42 10.08 19.63
C LEU B 133 3.19 10.26 18.14
N ILE B 134 2.82 9.18 17.47
CA ILE B 134 2.44 9.20 16.07
C ILE B 134 1.00 8.70 15.97
N MET B 135 0.14 9.50 15.35
CA MET B 135 -1.26 9.15 15.15
C MET B 135 -1.58 9.15 13.67
N ALA B 136 -1.99 7.98 13.14
CA ALA B 136 -2.38 7.86 11.75
C ALA B 136 -3.66 7.04 11.64
N PHE B 137 -4.34 7.18 10.50
CA PHE B 137 -5.63 6.55 10.26
C PHE B 137 -5.54 5.69 9.00
N LEU B 138 -6.07 4.47 9.07
CA LEU B 138 -5.95 3.46 8.02
C LEU B 138 -7.33 3.10 7.48
N TYR B 139 -7.68 3.62 6.30
CA TYR B 139 -9.01 3.43 5.72
C TYR B 139 -9.36 1.96 5.58
N GLN B 140 -10.43 1.55 6.25
CA GLN B 140 -10.89 0.16 6.26
C GLN B 140 -9.71 -0.79 6.50
N GLY B 141 -8.93 -0.48 7.53
CA GLY B 141 -7.73 -1.26 7.80
C GLY B 141 -8.03 -2.67 8.25
N SER B 142 -9.08 -2.84 9.05
CA SER B 142 -9.30 -4.10 9.76
C SER B 142 -9.52 -5.29 8.83
N GLU B 143 -9.79 -5.08 7.53
CA GLU B 143 -10.08 -6.20 6.64
C GLU B 143 -8.97 -6.49 5.63
N MET B 144 -7.83 -5.80 5.71
CA MET B 144 -6.71 -6.16 4.85
C MET B 144 -6.08 -7.48 5.33
N PHE B 145 -5.54 -8.23 4.36
CA PHE B 145 -4.91 -9.51 4.73
C PHE B 145 -3.65 -9.28 5.54
N ASP B 146 -3.00 -8.13 5.37
CA ASP B 146 -1.74 -7.81 6.03
C ASP B 146 -1.95 -6.77 7.12
N TYR B 147 -3.09 -6.82 7.81
CA TYR B 147 -3.40 -5.80 8.80
C TYR B 147 -2.36 -5.77 9.93
N LYS B 148 -2.08 -6.93 10.53
CA LYS B 148 -1.19 -6.96 11.68
C LYS B 148 0.23 -6.53 11.33
N LEU B 149 0.63 -6.63 10.06
CA LEU B 149 1.95 -6.16 9.65
C LEU B 149 2.02 -4.64 9.51
N ARG B 150 0.89 -3.96 9.32
CA ARG B 150 0.87 -2.52 9.13
C ARG B 150 0.76 -1.74 10.44
N ARG B 151 0.84 -2.40 11.58
CA ARG B 151 0.83 -1.70 12.85
C ARG B 151 2.18 -1.09 13.20
N ASN B 152 3.27 -1.66 12.68
CA ASN B 152 4.60 -1.19 13.04
C ASN B 152 4.70 0.31 12.71
N PRO B 153 5.22 1.12 13.64
CA PRO B 153 5.23 2.57 13.42
C PRO B 153 6.06 3.02 12.24
N ALA B 154 6.92 2.16 11.69
CA ALA B 154 7.56 2.47 10.42
C ALA B 154 6.53 2.58 9.32
N ALA B 155 5.55 1.67 9.31
CA ALA B 155 4.50 1.70 8.29
C ALA B 155 3.51 2.83 8.53
N LEU B 156 3.35 3.27 9.79
CA LEU B 156 2.46 4.39 10.08
C LEU B 156 2.96 5.73 9.58
N MET B 157 4.24 5.85 9.24
CA MET B 157 4.76 7.11 8.73
C MET B 157 4.43 7.29 7.25
N GLN B 158 3.71 6.33 6.65
CA GLN B 158 3.35 6.40 5.25
C GLN B 158 1.88 6.69 5.00
N MET B 159 1.00 6.43 5.96
CA MET B 159 -0.41 6.84 5.88
C MET B 159 -0.54 8.24 6.46
N PRO B 160 -1.69 8.90 6.26
CA PRO B 160 -1.85 10.27 6.81
C PRO B 160 -1.76 10.26 8.33
N HIS B 161 -0.82 11.06 8.85
CA HIS B 161 -0.45 10.98 10.27
C HIS B 161 -0.11 12.35 10.81
N VAL B 162 0.06 12.41 12.13
CA VAL B 162 0.51 13.61 12.84
C VAL B 162 1.41 13.20 14.00
N LEU B 163 2.31 14.10 14.39
CA LEU B 163 3.27 13.86 15.46
C LEU B 163 3.02 14.80 16.64
N VAL B 164 3.16 14.26 17.85
CA VAL B 164 2.85 14.96 19.08
C VAL B 164 4.00 14.82 20.07
N ASN B 165 4.59 15.94 20.49
CA ASN B 165 5.56 15.96 21.58
C ASN B 165 4.88 16.19 22.92
N VAL B 166 5.70 16.15 23.97
CA VAL B 166 5.28 16.54 25.31
C VAL B 166 5.70 17.98 25.64
N GLY B 167 6.62 18.57 24.87
CA GLY B 167 7.03 19.94 25.14
C GLY B 167 6.14 20.97 24.46
N ALA B 168 6.47 21.33 23.23
CA ALA B 168 5.53 21.97 22.32
C ALA B 168 5.02 20.87 21.39
N ALA B 169 4.21 21.24 20.41
CA ALA B 169 3.54 20.24 19.58
C ALA B 169 2.68 19.33 20.46
N ASN B 170 1.95 19.97 21.40
CA ASN B 170 1.01 19.25 22.25
C ASN B 170 -0.21 18.82 21.46
N GLU B 171 -0.94 19.78 20.92
CA GLU B 171 -2.09 19.47 20.09
C GLU B 171 -1.63 19.17 18.67
N ALA B 172 -2.35 18.28 18.03
CA ALA B 172 -2.18 18.02 16.61
C ALA B 172 -3.49 17.46 16.13
N THR B 173 -3.97 17.97 15.01
CA THR B 173 -5.27 17.59 14.47
C THR B 173 -5.07 16.80 13.20
N LEU B 174 -5.65 15.61 13.17
CA LEU B 174 -5.65 14.83 11.96
C LEU B 174 -6.86 15.24 11.14
N LYS B 175 -6.93 14.75 9.91
CA LYS B 175 -8.10 15.00 9.08
C LYS B 175 -8.43 13.71 8.36
N ILE B 176 -9.70 13.34 8.39
CA ILE B 176 -10.12 12.06 7.83
C ILE B 176 -11.34 12.31 6.97
N PRO B 177 -11.19 12.47 5.66
CA PRO B 177 -12.36 12.63 4.80
C PRO B 177 -13.05 11.28 4.67
N TYR B 178 -14.29 11.32 4.21
CA TYR B 178 -15.06 10.10 4.09
C TYR B 178 -14.58 9.33 2.87
N ARG B 179 -13.95 8.17 3.09
CA ARG B 179 -13.56 7.29 1.99
C ARG B 179 -13.89 5.87 2.36
N TYR B 180 -14.80 5.27 1.60
CA TYR B 180 -15.41 4.00 1.97
C TYR B 180 -15.86 3.32 0.68
N VAL B 181 -16.17 2.02 0.78
CA VAL B 181 -16.53 1.27 -0.42
C VAL B 181 -17.89 1.71 -0.95
N ARG B 182 -18.83 1.97 -0.06
CA ARG B 182 -20.17 2.39 -0.44
C ARG B 182 -20.41 3.82 0.03
N PRO B 183 -21.25 4.59 -0.69
CA PRO B 183 -21.40 6.01 -0.36
C PRO B 183 -22.03 6.31 1.00
N PHE B 184 -22.45 5.30 1.76
CA PHE B 184 -23.08 5.53 3.06
C PHE B 184 -22.69 4.41 4.02
N MET B 185 -22.57 4.77 5.29
CA MET B 185 -22.28 3.81 6.34
C MET B 185 -23.54 3.46 7.12
N ARG B 186 -23.61 2.22 7.59
CA ARG B 186 -24.74 1.80 8.40
C ARG B 186 -24.54 2.27 9.84
N CYS B 187 -25.65 2.59 10.50
CA CYS B 187 -25.63 3.16 11.84
C CYS B 187 -25.94 2.15 12.94
N LYS B 188 -26.50 0.98 12.61
CA LYS B 188 -26.87 -0.01 13.61
C LYS B 188 -26.69 -1.40 13.00
N ASP B 189 -26.92 -2.42 13.82
CA ASP B 189 -26.53 -3.79 13.46
C ASP B 189 -27.56 -4.47 12.58
N ILE B 190 -27.09 -5.48 11.83
CA ILE B 190 -27.90 -6.34 10.98
C ILE B 190 -28.45 -5.54 9.82
N THR B 201 -22.90 -7.20 9.50
CA THR B 201 -22.54 -6.94 10.88
C THR B 201 -21.65 -5.72 11.04
N GLU B 202 -21.79 -5.04 12.19
CA GLU B 202 -20.83 -4.08 12.73
C GLU B 202 -20.89 -2.71 12.05
N PRO B 203 -21.81 -1.84 12.47
CA PRO B 203 -21.96 -0.53 11.83
C PRO B 203 -20.82 0.44 12.14
N LEU B 204 -20.62 1.39 11.21
CA LEU B 204 -19.79 2.59 11.40
C LEU B 204 -18.29 2.30 11.47
N ASN B 205 -17.84 1.23 10.81
CA ASN B 205 -16.42 0.85 10.84
C ASN B 205 -15.82 1.30 9.51
N MET B 206 -15.26 2.52 9.49
CA MET B 206 -14.69 3.07 8.27
C MET B 206 -13.18 2.93 8.22
N GLY B 207 -12.53 2.61 9.33
CA GLY B 207 -11.09 2.55 9.34
C GLY B 207 -10.55 2.04 10.66
N VAL B 208 -9.31 2.42 10.94
CA VAL B 208 -8.67 2.16 12.23
C VAL B 208 -7.83 3.38 12.59
N LEU B 209 -7.97 3.88 13.81
CA LEU B 209 -7.16 4.98 14.30
C LEU B 209 -6.03 4.43 15.17
N PHE B 210 -4.80 4.85 14.87
CA PHE B 210 -3.62 4.43 15.62
C PHE B 210 -3.02 5.61 16.37
N VAL B 211 -2.51 5.33 17.57
CA VAL B 211 -1.70 6.28 18.35
C VAL B 211 -0.56 5.46 18.95
N GLU B 212 0.65 5.66 18.44
CA GLU B 212 1.77 4.83 18.88
C GLU B 212 2.96 5.69 19.27
N VAL B 213 3.92 5.02 19.92
CA VAL B 213 5.06 5.67 20.54
C VAL B 213 6.19 5.72 19.50
N LEU B 214 6.41 6.90 18.93
CA LEU B 214 7.49 7.03 17.94
C LEU B 214 8.85 7.07 18.63
N ILE B 215 8.97 7.86 19.69
CA ILE B 215 10.18 7.93 20.52
C ILE B 215 9.75 7.66 21.95
N PRO B 216 10.35 6.70 22.65
CA PRO B 216 9.75 6.21 23.90
C PRO B 216 9.64 7.30 24.96
N PHE B 217 8.67 7.11 25.85
CA PHE B 217 8.43 8.06 26.93
C PHE B 217 9.58 7.95 27.91
N ARG B 218 10.45 8.96 27.92
CA ARG B 218 11.69 8.89 28.68
C ARG B 218 11.73 10.00 29.71
N THR B 219 12.23 9.64 30.89
CA THR B 219 12.11 10.42 32.10
C THR B 219 13.50 10.69 32.65
N SER B 220 13.59 11.61 33.61
CA SER B 220 14.82 11.72 34.36
C SER B 220 14.82 10.70 35.50
N ALA B 221 16.02 10.34 35.95
CA ALA B 221 16.16 9.32 36.98
C ALA B 221 16.14 10.00 38.34
N ALA B 222 14.92 10.24 38.83
CA ALA B 222 14.69 10.91 40.10
C ALA B 222 13.19 10.81 40.39
N SER B 223 12.82 11.19 41.62
CA SER B 223 11.45 10.97 42.09
C SER B 223 10.50 12.08 41.70
N SER B 224 10.98 13.30 41.47
CA SER B 224 10.07 14.36 41.02
C SER B 224 9.60 14.15 39.59
N ALA B 225 10.06 13.11 38.93
CA ALA B 225 9.65 12.75 37.58
C ALA B 225 8.32 12.01 37.60
N PRO B 226 7.52 12.13 36.53
CA PRO B 226 6.25 11.42 36.48
C PRO B 226 6.43 9.96 36.14
N LYS B 227 5.38 9.18 36.39
CA LYS B 227 5.29 7.82 35.92
C LYS B 227 4.43 7.67 34.67
N SER B 228 3.63 8.67 34.33
CA SER B 228 2.78 8.61 33.14
C SER B 228 2.42 10.03 32.72
N LEU B 229 1.66 10.12 31.63
CA LEU B 229 1.03 11.35 31.19
C LEU B 229 -0.38 11.05 30.73
N ASP B 230 -1.08 12.09 30.30
CA ASP B 230 -2.48 11.97 29.87
C ASP B 230 -2.65 12.50 28.45
N VAL B 231 -3.34 11.72 27.63
CA VAL B 231 -3.48 11.96 26.19
C VAL B 231 -4.97 11.93 25.88
N SER B 232 -5.51 13.04 25.37
CA SER B 232 -6.95 13.22 25.19
C SER B 232 -7.29 13.44 23.72
N LEU B 233 -8.35 12.77 23.25
CA LEU B 233 -8.68 12.67 21.83
C LEU B 233 -10.01 13.34 21.53
N PHE B 234 -9.97 14.48 20.86
CA PHE B 234 -11.20 15.21 20.50
C PHE B 234 -11.57 14.98 19.04
N VAL B 235 -12.86 14.74 18.80
CA VAL B 235 -13.39 14.41 17.48
C VAL B 235 -14.41 15.48 17.10
N LYS B 236 -14.67 15.60 15.79
CA LYS B 236 -15.82 16.35 15.31
C LYS B 236 -16.12 15.94 13.87
N MET B 237 -17.36 16.21 13.44
CA MET B 237 -17.88 15.82 12.14
C MET B 237 -18.16 17.05 11.28
N THR B 238 -17.76 16.99 10.01
CA THR B 238 -17.73 18.15 9.13
C THR B 238 -18.92 18.22 8.18
N ASN B 239 -19.21 17.15 7.45
CA ASN B 239 -20.34 17.12 6.53
C ASN B 239 -21.18 15.90 6.90
N ALA B 240 -22.12 16.08 7.82
CA ALA B 240 -22.88 14.96 8.37
C ALA B 240 -24.20 14.88 7.59
N LYS B 241 -24.38 13.79 6.87
CA LYS B 241 -25.59 13.55 6.10
C LYS B 241 -26.17 12.23 6.55
N PHE B 242 -27.39 12.26 7.07
CA PHE B 242 -28.09 11.08 7.51
C PHE B 242 -29.25 10.84 6.57
N THR B 243 -29.57 9.57 6.35
CA THR B 243 -30.67 9.25 5.44
C THR B 243 -31.29 7.94 5.88
N GLY B 244 -32.51 7.70 5.42
CA GLY B 244 -33.24 6.52 5.83
C GLY B 244 -33.77 6.66 7.24
N MET B 245 -34.50 7.74 7.49
CA MET B 245 -34.99 8.04 8.84
C MET B 245 -36.09 7.06 9.24
N VAL B 246 -35.86 6.34 10.34
CA VAL B 246 -36.81 5.34 10.84
C VAL B 246 -37.21 5.74 12.25
N ASP B 247 -37.66 4.77 13.03
CA ASP B 247 -37.87 5.00 14.45
C ASP B 247 -36.55 4.73 15.17
N GLY B 248 -36.60 4.83 16.49
CA GLY B 248 -35.66 4.11 17.32
C GLY B 248 -36.32 2.82 17.76
N SER B 249 -35.53 1.94 18.34
CA SER B 249 -35.96 0.60 18.73
C SER B 249 -36.40 -0.25 17.54
N ILE B 250 -36.12 0.20 16.31
CA ILE B 250 -36.42 -0.63 15.14
C ILE B 250 -35.20 -1.48 14.77
N ALA B 251 -34.00 -1.01 15.08
CA ALA B 251 -32.78 -1.79 15.00
C ALA B 251 -32.06 -1.71 16.33
N LEU B 252 -31.14 -2.63 16.56
CA LEU B 252 -30.44 -2.71 17.84
C LEU B 252 -28.95 -2.50 17.63
N LEU B 253 -28.29 -2.18 18.75
CA LEU B 253 -26.84 -2.23 18.84
C LEU B 253 -26.44 -3.44 19.68
N SER B 254 -25.15 -3.72 19.69
CA SER B 254 -24.62 -4.87 20.40
C SER B 254 -23.36 -4.44 21.12
N LYS B 255 -22.90 -5.30 22.01
CA LYS B 255 -21.69 -4.98 22.76
C LYS B 255 -20.51 -5.00 21.80
N PRO B 256 -19.76 -3.91 21.67
CA PRO B 256 -18.84 -3.78 20.55
C PRO B 256 -17.60 -4.65 20.71
N ILE B 257 -17.06 -5.08 19.58
CA ILE B 257 -15.92 -5.99 19.53
C ILE B 257 -14.65 -5.18 19.32
N ALA B 258 -13.54 -5.69 19.81
CA ALA B 258 -12.27 -4.99 19.78
C ALA B 258 -11.36 -5.55 18.69
N LEU B 259 -10.47 -4.69 18.19
CA LEU B 259 -9.46 -5.15 17.25
C LEU B 259 -8.40 -5.98 17.99
N PRO B 260 -7.87 -7.03 17.35
CA PRO B 260 -6.85 -7.89 17.96
C PRO B 260 -5.54 -7.15 18.19
N ASN C 2 -22.43 -7.44 -59.91
CA ASN C 2 -21.41 -8.33 -59.39
C ASN C 2 -20.02 -8.16 -60.01
N PRO C 3 -19.56 -6.92 -60.19
CA PRO C 3 -18.30 -6.69 -60.92
C PRO C 3 -17.15 -7.43 -60.24
N PRO C 4 -16.29 -8.09 -61.01
CA PRO C 4 -15.12 -8.75 -60.41
C PRO C 4 -14.13 -7.71 -59.91
N ASP C 5 -13.68 -7.88 -58.66
CA ASP C 5 -12.66 -7.01 -58.11
C ASP C 5 -11.34 -7.75 -58.12
N PRO C 6 -10.47 -7.52 -59.10
CA PRO C 6 -9.11 -8.06 -58.99
C PRO C 6 -8.16 -7.02 -58.44
N THR C 7 -7.72 -7.24 -57.22
CA THR C 7 -6.70 -6.48 -56.55
C THR C 7 -5.66 -7.48 -56.08
N PRO C 8 -4.38 -7.18 -56.24
CA PRO C 8 -3.36 -8.17 -55.89
C PRO C 8 -3.37 -8.42 -54.39
N ALA C 9 -3.35 -9.71 -54.03
CA ALA C 9 -3.28 -10.08 -52.63
C ALA C 9 -2.05 -9.45 -51.96
N LYS C 10 -2.20 -9.06 -50.70
CA LYS C 10 -1.08 -8.51 -49.94
C LYS C 10 -0.40 -9.59 -49.11
N PHE C 11 0.91 -9.42 -48.91
CA PHE C 11 1.69 -10.29 -48.04
C PHE C 11 1.41 -9.95 -46.59
N PHE C 12 1.03 -10.94 -45.79
CA PHE C 12 0.80 -10.73 -44.37
C PHE C 12 1.50 -11.79 -43.53
N VAL C 13 2.00 -11.39 -42.37
CA VAL C 13 2.80 -12.23 -41.50
C VAL C 13 1.95 -12.59 -40.28
N PRO C 14 1.55 -13.86 -40.12
CA PRO C 14 0.69 -14.24 -38.99
C PRO C 14 1.49 -14.41 -37.71
N ILE C 15 1.01 -13.81 -36.63
CA ILE C 15 1.64 -13.98 -35.31
C ILE C 15 0.55 -14.31 -34.29
N PRO C 16 0.93 -14.93 -33.17
CA PRO C 16 -0.07 -15.38 -32.19
C PRO C 16 -0.67 -14.32 -31.28
N SER C 17 0.02 -13.21 -30.98
CA SER C 17 -0.58 -12.22 -30.08
C SER C 17 0.07 -10.86 -30.32
N HIS C 18 -0.30 -9.89 -29.48
CA HIS C 18 0.24 -8.54 -29.54
C HIS C 18 1.33 -8.34 -28.49
N SER C 19 1.87 -7.13 -28.45
CA SER C 19 3.06 -6.85 -27.63
C SER C 19 2.83 -7.20 -26.17
N TRP C 20 3.75 -7.97 -25.61
CA TRP C 20 3.75 -8.25 -24.17
C TRP C 20 4.42 -7.17 -23.35
N ALA C 21 5.11 -6.23 -23.99
CA ALA C 21 5.92 -5.25 -23.29
C ALA C 21 5.35 -3.83 -23.31
N HIS C 22 4.32 -3.56 -24.10
CA HIS C 22 3.91 -2.18 -24.35
C HIS C 22 2.96 -1.69 -23.26
N GLY C 23 3.36 -0.62 -22.59
CA GLY C 23 2.53 -0.03 -21.56
C GLY C 23 1.79 1.20 -22.03
N THR C 24 2.46 2.05 -22.82
CA THR C 24 1.97 3.38 -23.13
C THR C 24 1.97 3.65 -24.62
N ASN C 25 1.26 4.70 -25.00
CA ASN C 25 1.38 5.37 -26.29
C ASN C 25 1.00 4.47 -27.45
N THR C 26 0.21 3.44 -27.16
CA THR C 26 -0.20 2.46 -28.15
C THR C 26 -1.66 2.13 -27.91
N SER C 27 -2.28 1.48 -28.89
CA SER C 27 -3.64 0.98 -28.74
C SER C 27 -3.64 -0.52 -28.96
N GLU C 28 -4.18 -1.25 -28.02
CA GLU C 28 -4.05 -2.67 -28.29
C GLU C 28 -5.40 -3.31 -28.60
N PRO C 29 -5.46 -4.22 -29.57
CA PRO C 29 -6.70 -4.95 -29.82
C PRO C 29 -6.90 -6.03 -28.78
N THR C 30 -8.16 -6.21 -28.38
CA THR C 30 -8.53 -7.23 -27.41
C THR C 30 -10.03 -7.49 -27.59
N ASN C 31 -10.47 -8.67 -27.14
CA ASN C 31 -11.87 -9.02 -27.15
C ASN C 31 -12.46 -8.72 -25.77
N THR C 32 -13.26 -7.67 -25.69
CA THR C 32 -13.80 -7.19 -24.41
C THR C 32 -15.08 -7.94 -24.09
N LEU C 33 -15.19 -8.42 -22.86
CA LEU C 33 -16.36 -9.21 -22.41
C LEU C 33 -17.43 -8.28 -21.86
N ARG C 34 -18.04 -7.52 -22.76
CA ARG C 34 -19.04 -6.54 -22.43
C ARG C 34 -20.19 -6.65 -23.42
N LEU C 35 -21.31 -5.99 -23.09
CA LEU C 35 -22.40 -5.92 -24.04
C LEU C 35 -22.18 -4.85 -25.10
N ASP C 36 -21.40 -3.82 -24.79
CA ASP C 36 -21.21 -2.68 -25.68
C ASP C 36 -19.90 -2.88 -26.45
N GLY C 37 -19.93 -2.59 -27.74
CA GLY C 37 -18.80 -2.95 -28.59
C GLY C 37 -17.88 -1.81 -29.02
N GLY C 38 -17.90 -0.70 -28.29
CA GLY C 38 -17.04 0.43 -28.56
C GLY C 38 -15.98 0.59 -27.50
N VAL C 39 -15.30 1.74 -27.56
CA VAL C 39 -14.25 2.05 -26.59
C VAL C 39 -14.95 2.53 -25.32
N VAL C 40 -15.02 1.65 -24.33
CA VAL C 40 -15.82 1.87 -23.12
C VAL C 40 -14.91 1.80 -21.91
N GLY C 41 -15.23 2.61 -20.91
CA GLY C 41 -14.44 2.63 -19.69
C GLY C 41 -15.35 2.81 -18.49
N VAL C 42 -14.88 2.30 -17.34
CA VAL C 42 -15.67 2.38 -16.11
C VAL C 42 -15.99 3.84 -15.80
N GLY C 43 -17.21 4.07 -15.32
CA GLY C 43 -17.63 5.42 -14.99
C GLY C 43 -16.88 6.01 -13.83
N ARG C 44 -16.89 7.34 -13.77
CA ARG C 44 -16.07 8.05 -12.80
C ARG C 44 -16.76 9.32 -12.34
N SER C 45 -16.21 9.86 -11.25
CA SER C 45 -16.54 11.20 -10.78
C SER C 45 -15.20 11.86 -10.46
N ASP C 46 -15.23 12.98 -9.75
CA ASP C 46 -13.98 13.59 -9.32
C ASP C 46 -13.31 12.79 -8.22
N ASP C 47 -14.10 12.18 -7.32
CA ASP C 47 -13.52 11.55 -6.14
C ASP C 47 -12.90 10.21 -6.47
N ILE C 48 -13.52 9.45 -7.37
CA ILE C 48 -12.87 8.28 -7.95
C ILE C 48 -12.20 8.81 -9.21
N GLY C 49 -10.96 9.25 -9.05
CA GLY C 49 -10.28 10.07 -10.04
C GLY C 49 -8.80 9.89 -9.87
N THR C 50 -8.06 10.16 -10.94
CA THR C 50 -6.81 9.43 -11.11
C THR C 50 -5.50 10.20 -11.10
N SER C 51 -4.46 9.51 -11.59
CA SER C 51 -3.05 9.90 -11.46
C SER C 51 -2.65 10.06 -9.99
N ASP C 52 -3.21 9.20 -9.14
CA ASP C 52 -2.66 9.02 -7.80
C ASP C 52 -1.42 8.15 -7.80
N THR C 53 -0.98 7.70 -8.98
CA THR C 53 0.19 6.85 -9.13
C THR C 53 1.38 7.58 -9.75
N ALA C 54 1.29 8.90 -9.96
CA ALA C 54 2.42 9.65 -10.49
C ALA C 54 3.61 9.52 -9.54
N ILE C 55 4.72 9.00 -10.08
CA ILE C 55 5.84 8.52 -9.26
C ILE C 55 6.31 9.59 -8.27
N SER C 56 6.48 10.82 -8.75
CA SER C 56 6.92 11.91 -7.86
C SER C 56 6.01 12.05 -6.65
N GLY C 57 4.70 11.80 -6.83
CA GLY C 57 3.79 11.84 -5.69
C GLY C 57 3.97 10.70 -4.70
N ILE C 58 4.59 9.60 -5.12
CA ILE C 58 4.81 8.46 -4.24
C ILE C 58 6.14 8.62 -3.53
N ILE C 59 7.22 8.77 -4.28
CA ILE C 59 8.57 8.88 -3.71
C ILE C 59 8.73 10.16 -2.91
N GLY C 60 7.71 11.01 -2.92
CA GLY C 60 7.75 12.20 -2.07
C GLY C 60 7.46 11.91 -0.61
N VAL C 61 6.81 10.81 -0.31
CA VAL C 61 6.39 10.49 1.06
C VAL C 61 7.59 9.95 1.82
N TYR C 62 7.92 10.57 2.94
CA TYR C 62 9.01 10.08 3.77
C TYR C 62 8.73 8.68 4.28
N GLY C 63 9.79 7.89 4.38
CA GLY C 63 9.71 6.59 5.01
C GLY C 63 10.78 6.49 6.08
N LEU C 64 10.43 5.78 7.14
CA LEU C 64 11.23 5.80 8.35
C LEU C 64 12.35 4.77 8.30
N LEU C 65 13.55 5.18 8.72
CA LEU C 65 14.69 4.31 8.83
C LEU C 65 15.00 4.07 10.31
N LYS C 66 15.70 2.97 10.57
CA LYS C 66 15.78 2.43 11.92
C LYS C 66 16.37 3.45 12.88
N PRO C 67 15.72 3.71 14.02
CA PRO C 67 16.17 4.80 14.90
C PRO C 67 17.37 4.37 15.71
N PHE C 68 18.41 5.19 15.68
CA PHE C 68 19.59 5.04 16.52
C PHE C 68 19.52 6.10 17.60
N ASP C 69 20.24 5.89 18.70
CA ASP C 69 20.17 6.83 19.81
C ASP C 69 21.55 7.28 20.26
N TRP C 70 21.53 8.34 21.04
CA TRP C 70 22.71 9.07 21.47
C TRP C 70 22.62 9.13 22.99
N ASN C 71 23.71 8.84 23.68
CA ASN C 71 23.50 8.26 25.02
C ASN C 71 23.71 9.19 26.21
N ALA C 72 24.93 9.35 26.68
CA ALA C 72 25.12 9.89 28.02
C ALA C 72 25.58 11.33 28.05
N GLY C 76 23.59 14.28 25.34
CA GLY C 76 24.49 15.32 25.81
C GLY C 76 25.22 15.98 24.66
N ARG C 77 26.49 16.31 24.89
CA ARG C 77 27.45 16.42 23.79
C ARG C 77 28.34 15.19 23.72
N ASN C 78 28.44 14.43 24.80
CA ASN C 78 29.09 13.13 24.84
C ASN C 78 30.47 13.13 24.17
N VAL C 79 30.72 12.08 23.37
CA VAL C 79 32.09 11.72 23.01
C VAL C 79 32.62 12.73 22.01
N GLY C 80 33.68 13.43 22.41
CA GLY C 80 34.31 14.46 21.60
C GLY C 80 34.62 14.08 20.16
N GLY C 81 34.08 14.85 19.23
CA GLY C 81 34.36 14.72 17.81
C GLY C 81 34.20 13.34 17.21
N HIS C 82 33.04 12.73 17.40
CA HIS C 82 32.83 11.32 17.11
C HIS C 82 31.83 11.13 15.97
N LEU C 83 31.92 9.97 15.32
CA LEU C 83 30.97 9.58 14.28
C LEU C 83 29.76 8.92 14.90
N LEU C 84 28.58 9.53 14.70
CA LEU C 84 27.34 8.98 15.24
C LEU C 84 26.75 7.91 14.33
N TRP C 85 26.54 8.26 13.06
CA TRP C 85 25.74 7.46 12.16
C TRP C 85 26.10 7.89 10.73
N SER C 86 26.13 6.91 9.83
CA SER C 86 26.53 7.19 8.46
C SER C 86 26.13 6.00 7.58
N MET C 87 25.82 6.31 6.32
CA MET C 87 25.34 5.30 5.39
C MET C 87 25.58 5.79 3.98
N PRO C 88 25.69 4.87 3.02
CA PRO C 88 25.79 5.30 1.61
C PRO C 88 24.46 5.81 1.10
N VAL C 89 24.48 6.95 0.43
CA VAL C 89 23.27 7.62 -0.06
C VAL C 89 22.89 7.02 -1.41
N HIS C 90 21.81 6.26 -1.44
CA HIS C 90 21.25 5.75 -2.69
C HIS C 90 19.81 5.32 -2.44
N PRO C 91 18.99 5.25 -3.50
CA PRO C 91 17.54 5.15 -3.29
C PRO C 91 17.05 3.96 -2.46
N GLN C 92 17.64 2.78 -2.63
CA GLN C 92 17.34 1.69 -1.71
C GLN C 92 18.27 1.81 -0.50
N VAL C 93 17.69 1.85 0.68
CA VAL C 93 18.49 1.96 1.89
C VAL C 93 19.09 0.61 2.23
N ASP C 94 20.26 0.63 2.87
CA ASP C 94 20.94 -0.60 3.25
C ASP C 94 20.11 -1.41 4.24
N LYS C 95 20.15 -2.74 4.09
CA LYS C 95 19.30 -3.64 4.86
C LYS C 95 19.51 -3.51 6.36
N ASP C 96 20.67 -3.03 6.81
CA ASP C 96 20.92 -2.80 8.22
C ASP C 96 20.43 -1.43 8.68
N GLN C 97 19.90 -0.61 7.79
CA GLN C 97 19.38 0.70 8.12
C GLN C 97 17.86 0.72 8.11
N VAL C 98 17.22 -0.45 8.11
CA VAL C 98 15.80 -0.58 7.87
C VAL C 98 15.18 -1.41 8.98
N ILE C 99 14.02 -0.98 9.47
CA ILE C 99 13.28 -1.74 10.49
C ILE C 99 13.00 -3.13 9.94
N GLN C 100 13.48 -4.15 10.66
CA GLN C 100 13.35 -5.53 10.21
C GLN C 100 12.44 -6.33 11.12
N VAL C 101 11.95 -7.44 10.58
CA VAL C 101 11.17 -8.42 11.32
C VAL C 101 11.66 -9.80 10.88
N MET C 102 12.64 -10.35 11.61
CA MET C 102 13.09 -11.68 11.27
C MET C 102 12.12 -12.73 11.78
N THR C 103 12.18 -13.90 11.14
CA THR C 103 11.50 -15.10 11.58
C THR C 103 12.39 -16.25 11.12
N GLN C 104 12.33 -17.37 11.82
CA GLN C 104 13.34 -18.39 11.64
C GLN C 104 12.98 -19.26 10.44
N SER C 105 13.90 -19.34 9.48
CA SER C 105 13.74 -20.08 8.23
C SER C 105 12.58 -19.56 7.38
N LYS C 106 12.20 -18.30 7.54
CA LYS C 106 11.44 -17.58 6.54
C LYS C 106 12.34 -16.47 5.98
N LEU C 107 11.76 -15.61 5.15
CA LEU C 107 12.54 -14.48 4.70
C LEU C 107 12.51 -13.37 5.76
N THR C 108 13.31 -12.33 5.54
CA THR C 108 13.35 -11.20 6.46
C THR C 108 12.50 -10.08 5.88
N GLN C 109 11.60 -9.54 6.70
CA GLN C 109 10.67 -8.51 6.27
C GLN C 109 11.21 -7.13 6.61
N TYR C 110 11.32 -6.27 5.60
CA TYR C 110 11.91 -4.95 5.74
C TYR C 110 10.82 -3.90 5.50
N TYR C 111 10.77 -2.89 6.37
CA TYR C 111 9.85 -1.77 6.18
C TYR C 111 10.58 -0.70 5.38
N LEU C 112 10.64 -0.92 4.07
CA LEU C 112 11.34 0.00 3.20
C LEU C 112 10.53 1.29 3.05
N PRO C 113 11.19 2.42 2.89
CA PRO C 113 10.48 3.68 2.63
C PRO C 113 9.76 3.63 1.30
N PRO C 114 8.87 4.59 1.04
CA PRO C 114 8.29 4.68 -0.31
C PRO C 114 9.32 4.86 -1.42
N ILE C 115 10.43 5.54 -1.16
CA ILE C 115 11.45 5.68 -2.19
C ILE C 115 12.16 4.36 -2.48
N SER C 116 12.33 3.52 -1.46
CA SER C 116 13.05 2.26 -1.69
C SER C 116 12.24 1.29 -2.53
N VAL C 117 10.93 1.18 -2.23
CA VAL C 117 10.09 0.23 -2.95
C VAL C 117 9.98 0.61 -4.43
N VAL C 118 9.79 1.90 -4.71
CA VAL C 118 9.70 2.35 -6.10
C VAL C 118 11.01 2.11 -6.84
N SER C 119 12.14 2.29 -6.17
CA SER C 119 13.43 2.06 -6.80
C SER C 119 13.81 0.59 -6.89
N SER C 120 13.05 -0.32 -6.27
CA SER C 120 13.24 -1.73 -6.56
C SER C 120 12.54 -2.16 -7.84
N LEU C 121 11.73 -1.28 -8.45
CA LEU C 121 11.02 -1.59 -9.69
C LEU C 121 11.70 -1.01 -10.92
N TYR C 122 12.85 -0.35 -10.77
CA TYR C 122 13.48 0.29 -11.92
C TYR C 122 14.97 -0.01 -11.96
N ALA C 123 15.56 0.20 -13.13
CA ALA C 123 16.93 -0.23 -13.39
C ALA C 123 17.94 0.85 -13.07
N TYR C 124 17.59 2.12 -13.29
CA TYR C 124 18.47 3.23 -13.00
C TYR C 124 17.73 4.26 -12.16
N THR C 125 18.47 5.29 -11.77
CA THR C 125 17.96 6.31 -10.88
C THR C 125 18.96 7.45 -10.84
N ARG C 126 18.49 8.61 -10.39
CA ARG C 126 19.34 9.79 -10.30
C ARG C 126 18.55 10.90 -9.64
N GLY C 127 19.28 11.82 -9.00
CA GLY C 127 18.68 12.97 -8.36
C GLY C 127 18.88 12.95 -6.85
N SER C 128 18.51 14.07 -6.23
CA SER C 128 18.82 14.32 -4.84
C SER C 128 17.92 13.50 -3.94
N ILE C 129 18.41 13.25 -2.73
CA ILE C 129 17.67 12.52 -1.71
C ILE C 129 17.54 13.40 -0.48
N LYS C 130 16.34 13.50 0.08
CA LYS C 130 16.10 14.28 1.29
C LYS C 130 16.12 13.38 2.51
N TYR C 131 16.84 13.81 3.54
CA TYR C 131 16.79 13.18 4.85
C TYR C 131 16.14 14.13 5.84
N LYS C 132 15.24 13.59 6.65
CA LYS C 132 14.54 14.36 7.67
C LYS C 132 14.84 13.72 9.02
N PHE C 133 15.53 14.45 9.88
CA PHE C 133 15.90 13.94 11.20
C PHE C 133 14.98 14.54 12.27
N LEU C 134 14.72 13.74 13.30
CA LEU C 134 13.78 14.09 14.35
C LEU C 134 14.43 13.77 15.69
N PHE C 135 14.65 14.79 16.50
CA PHE C 135 15.46 14.66 17.71
C PHE C 135 14.58 14.58 18.95
N GLY C 136 14.76 13.51 19.72
CA GLY C 136 13.98 13.28 20.93
C GLY C 136 14.69 13.80 22.16
N ASN C 137 14.99 15.09 22.15
CA ASN C 137 15.52 15.83 23.27
C ASN C 137 14.40 16.71 23.84
N ASN C 138 14.77 17.62 24.73
CA ASN C 138 13.92 18.75 25.03
C ASN C 138 14.82 19.93 25.38
N PRO C 139 14.38 21.17 25.12
CA PRO C 139 15.30 22.32 25.00
C PRO C 139 16.43 22.43 26.02
N ARG C 140 16.30 21.75 27.16
CA ARG C 140 17.37 21.76 28.15
C ARG C 140 18.70 21.28 27.54
N HIS C 141 18.71 20.09 26.92
CA HIS C 141 19.93 19.62 26.25
C HIS C 141 20.44 20.60 25.19
N ASN C 142 21.74 20.54 24.94
CA ASN C 142 22.37 21.19 23.80
C ASN C 142 23.49 20.30 23.28
N ALA C 143 23.79 20.46 21.99
CA ALA C 143 24.96 19.86 21.36
C ALA C 143 25.08 20.48 19.98
N ARG C 144 26.12 20.06 19.26
CA ARG C 144 26.24 20.39 17.85
C ARG C 144 26.45 19.12 17.05
N LEU C 145 26.05 19.18 15.79
CA LEU C 145 26.24 18.08 14.85
C LEU C 145 26.75 18.64 13.54
N LEU C 146 27.73 17.96 12.97
CA LEU C 146 28.19 18.20 11.60
C LEU C 146 27.66 17.06 10.73
N VAL C 147 26.58 17.33 10.00
CA VAL C 147 26.18 16.48 8.90
C VAL C 147 26.89 16.97 7.64
N ALA C 148 27.73 16.11 7.06
CA ALA C 148 28.34 16.36 5.78
C ALA C 148 28.11 15.15 4.88
N TYR C 149 28.28 15.36 3.58
CA TYR C 149 28.27 14.28 2.62
C TYR C 149 29.48 14.43 1.71
N ILE C 150 30.05 13.30 1.30
CA ILE C 150 31.26 13.26 0.50
C ILE C 150 30.91 12.56 -0.79
N PRO C 151 31.20 13.13 -1.96
CA PRO C 151 30.54 12.68 -3.19
C PRO C 151 31.09 11.41 -3.81
N GLY C 152 32.33 11.01 -3.55
CA GLY C 152 32.87 9.90 -4.31
C GLY C 152 33.50 8.76 -3.54
N ILE C 153 33.27 8.72 -2.23
CA ILE C 153 33.83 7.68 -1.39
C ILE C 153 32.69 6.77 -0.95
N SER C 154 32.93 5.47 -0.99
CA SER C 154 31.89 4.46 -0.79
C SER C 154 31.96 3.71 0.53
N SER C 155 33.05 3.85 1.28
CA SER C 155 33.25 3.15 2.53
C SER C 155 33.79 4.12 3.58
N ASP C 156 33.28 4.01 4.80
CA ASP C 156 33.57 4.96 5.87
C ASP C 156 34.94 4.80 6.51
N ASN C 157 35.80 3.93 5.99
CA ASN C 157 37.07 3.66 6.66
C ASN C 157 37.92 4.92 6.76
N ARG C 158 37.81 5.81 5.78
CA ARG C 158 38.78 6.89 5.61
C ARG C 158 38.34 8.27 6.11
N LEU C 159 37.16 8.43 6.70
CA LEU C 159 36.70 9.78 7.00
C LEU C 159 36.59 10.03 8.49
N THR C 160 36.80 11.29 8.86
CA THR C 160 36.96 11.74 10.24
C THR C 160 36.53 13.20 10.29
N LEU C 161 36.37 13.71 11.52
CA LEU C 161 35.72 15.02 11.70
C LEU C 161 36.47 16.16 11.01
N GLU C 162 37.77 16.01 10.75
CA GLU C 162 38.49 17.05 10.04
C GLU C 162 38.57 16.80 8.54
N ARG C 163 38.43 15.55 8.10
CA ARG C 163 38.30 15.29 6.67
C ARG C 163 36.90 15.62 6.16
N ALA C 164 35.89 15.41 7.01
CA ALA C 164 34.50 15.64 6.61
C ALA C 164 34.07 17.08 6.84
N ARG C 165 34.92 17.91 7.43
CA ARG C 165 34.60 19.32 7.60
C ARG C 165 35.02 20.13 6.39
N ASN C 166 35.57 19.47 5.37
CA ASN C 166 35.98 20.10 4.13
C ASN C 166 35.05 19.79 2.97
N SER C 167 33.99 19.02 3.19
CA SER C 167 32.99 18.77 2.16
C SER C 167 31.86 19.79 2.30
N ALA C 168 30.77 19.58 1.57
CA ALA C 168 29.58 20.38 1.77
C ALA C 168 28.88 19.87 3.02
N HIS C 169 28.80 20.71 4.04
CA HIS C 169 28.28 20.32 5.33
C HIS C 169 27.47 21.46 5.90
N VAL C 170 26.45 21.11 6.68
CA VAL C 170 25.74 22.08 7.50
C VAL C 170 25.92 21.66 8.95
N VAL C 171 26.13 22.65 9.81
CA VAL C 171 26.32 22.42 11.23
C VAL C 171 24.99 22.70 11.92
N PHE C 172 24.42 21.69 12.55
CA PHE C 172 23.08 21.76 13.08
C PHE C 172 23.16 21.91 14.60
N SER C 173 22.42 22.88 15.12
CA SER C 173 22.59 23.38 16.48
C SER C 173 21.86 22.54 17.53
N LEU C 174 21.13 21.52 17.12
CA LEU C 174 20.43 20.57 18.00
C LEU C 174 19.37 21.21 18.88
N ASN C 175 19.10 22.51 18.73
CA ASN C 175 17.95 23.07 19.40
C ASN C 175 17.11 23.99 18.54
N GLU C 176 17.49 24.26 17.29
CA GLU C 176 16.71 25.21 16.51
C GLU C 176 15.38 24.60 16.06
N VAL C 177 15.35 23.30 15.74
CA VAL C 177 14.10 22.55 15.54
C VAL C 177 14.33 21.10 15.99
N SER C 178 13.23 20.36 16.16
CA SER C 178 13.30 18.90 16.20
C SER C 178 13.50 18.30 14.80
N GLU C 179 12.69 18.75 13.84
CA GLU C 179 12.73 18.21 12.47
C GLU C 179 13.71 19.03 11.62
N PHE C 180 14.83 18.40 11.26
CA PHE C 180 15.85 18.97 10.39
C PHE C 180 15.92 18.19 9.08
N VAL C 181 15.84 18.89 7.96
CA VAL C 181 15.86 18.29 6.62
C VAL C 181 17.17 18.65 5.92
N PHE C 182 17.91 17.63 5.47
CA PHE C 182 19.23 17.78 4.89
C PHE C 182 19.29 17.07 3.54
N THR C 183 19.43 17.84 2.47
CA THR C 183 19.39 17.32 1.11
C THR C 183 20.82 17.08 0.60
N VAL C 184 21.14 15.83 0.30
CA VAL C 184 22.38 15.47 -0.38
C VAL C 184 22.10 15.45 -1.87
N PRO C 185 22.81 16.22 -2.69
CA PRO C 185 22.47 16.33 -4.11
C PRO C 185 22.88 15.10 -4.90
N TYR C 186 22.93 15.23 -6.23
CA TYR C 186 23.38 14.16 -7.10
C TYR C 186 24.64 14.64 -7.84
N ILE C 187 25.80 14.18 -7.37
CA ILE C 187 27.08 14.55 -7.98
C ILE C 187 27.79 13.26 -8.35
N THR C 188 27.82 12.94 -9.64
CA THR C 188 28.45 11.71 -10.09
C THR C 188 29.16 11.98 -11.41
N ASP C 189 29.92 10.97 -11.87
CA ASP C 189 30.51 10.97 -13.20
C ASP C 189 29.55 10.48 -14.28
N THR C 190 28.40 9.94 -13.91
CA THR C 190 27.49 9.32 -14.86
C THR C 190 26.08 9.84 -14.61
N MET C 191 25.21 9.55 -15.58
CA MET C 191 23.89 10.16 -15.66
C MET C 191 22.79 9.30 -15.06
N TRP C 192 23.03 8.01 -14.83
CA TRP C 192 22.06 7.13 -14.22
C TRP C 192 22.82 6.16 -13.35
N TRP C 193 22.25 5.82 -12.20
CA TRP C 193 22.97 4.96 -11.28
C TRP C 193 22.23 3.65 -11.13
N PRO C 194 22.91 2.52 -11.21
CA PRO C 194 22.23 1.23 -11.08
C PRO C 194 21.79 1.04 -9.63
N ARG C 195 20.88 0.11 -9.43
CA ARG C 195 20.42 -0.17 -8.09
C ARG C 195 21.36 -1.16 -7.41
N LYS C 196 21.30 -1.19 -6.09
CA LYS C 196 22.20 -2.02 -5.30
C LYS C 196 21.71 -3.45 -5.10
N TYR C 197 20.40 -3.69 -5.22
CA TYR C 197 19.85 -5.00 -4.88
C TYR C 197 19.11 -5.65 -6.03
N GLY C 198 19.33 -5.20 -7.24
CA GLY C 198 18.82 -5.93 -8.40
C GLY C 198 20.06 -6.40 -9.11
N GLY C 199 20.22 -6.02 -10.37
CA GLY C 199 21.50 -6.18 -10.99
C GLY C 199 22.25 -4.93 -10.57
N PRO C 200 23.40 -4.69 -11.18
CA PRO C 200 24.09 -5.63 -12.06
C PRO C 200 25.07 -6.48 -11.28
N GLN C 201 25.92 -5.78 -10.53
CA GLN C 201 27.16 -6.36 -10.01
C GLN C 201 27.01 -6.74 -8.54
N ALA C 202 26.90 -8.05 -8.30
CA ALA C 202 27.56 -8.73 -7.19
C ALA C 202 27.29 -8.12 -5.82
N ALA C 203 26.09 -7.58 -5.61
CA ALA C 203 25.65 -7.23 -4.25
C ALA C 203 26.57 -6.24 -3.55
N GLY C 204 27.33 -6.73 -2.56
CA GLY C 204 28.30 -5.92 -1.82
C GLY C 204 29.45 -5.37 -2.64
N GLU C 205 29.61 -5.76 -3.92
CA GLU C 205 30.45 -4.99 -4.83
C GLU C 205 29.59 -3.87 -5.41
N PHE C 206 29.44 -2.82 -4.61
CA PHE C 206 28.61 -1.69 -4.98
C PHE C 206 29.31 -0.44 -4.49
N VAL C 207 29.03 0.67 -5.17
CA VAL C 207 29.59 1.96 -4.83
C VAL C 207 28.44 2.93 -4.89
N ALA C 208 28.07 3.50 -3.75
CA ALA C 208 27.01 4.48 -3.81
C ALA C 208 27.61 5.78 -4.30
N PRO C 209 26.82 6.65 -4.88
CA PRO C 209 27.40 7.88 -5.43
C PRO C 209 27.63 8.98 -4.40
N SER C 210 27.64 8.61 -3.11
CA SER C 210 28.11 9.46 -2.01
C SER C 210 27.87 8.82 -0.65
N TYR C 211 28.51 9.38 0.37
CA TYR C 211 28.30 9.00 1.76
C TYR C 211 27.75 10.19 2.54
N ILE C 212 26.85 9.94 3.48
CA ILE C 212 26.39 10.94 4.42
C ILE C 212 26.85 10.51 5.82
N CYS C 213 27.41 11.47 6.57
CA CYS C 213 27.91 11.20 7.91
C CYS C 213 27.42 12.26 8.89
N MET C 214 27.32 11.88 10.16
CA MET C 214 26.82 12.76 11.22
C MET C 214 27.83 12.73 12.38
N PHE C 215 28.50 13.86 12.61
CA PHE C 215 29.55 13.96 13.62
C PHE C 215 29.09 14.81 14.79
N ILE C 216 29.78 14.66 15.92
CA ILE C 216 29.45 15.35 17.17
C ILE C 216 30.44 16.50 17.34
N LEU C 217 30.00 17.71 16.96
CA LEU C 217 30.71 19.03 16.96
C LEU C 217 30.77 19.56 15.54
N ALA C 222 25.27 16.44 29.96
CA ALA C 222 24.61 15.34 30.66
C ALA C 222 23.98 15.83 31.96
N MET C 223 22.75 16.30 31.87
CA MET C 223 22.02 16.86 33.00
C MET C 223 21.37 15.76 33.83
N GLU C 224 21.00 16.10 35.06
CA GLU C 224 20.28 15.18 35.93
C GLU C 224 18.81 15.55 36.13
N SER C 225 18.33 16.65 35.55
CA SER C 225 16.90 16.94 35.55
C SER C 225 16.19 16.41 34.31
N VAL C 226 16.93 15.99 33.30
CA VAL C 226 16.41 15.70 31.97
C VAL C 226 16.81 14.28 31.62
N PRO C 227 16.07 13.62 30.71
CA PRO C 227 16.46 12.27 30.29
C PRO C 227 17.82 12.28 29.60
N SER C 228 18.71 11.39 30.07
CA SER C 228 20.03 11.27 29.47
C SER C 228 19.98 11.02 27.96
N ILE C 229 19.08 10.15 27.51
CA ILE C 229 19.16 9.55 26.18
C ILE C 229 18.38 10.40 25.19
N VAL C 230 19.05 10.88 24.14
CA VAL C 230 18.41 11.56 23.03
C VAL C 230 18.34 10.59 21.86
N THR C 231 17.12 10.26 21.43
CA THR C 231 16.91 9.35 20.31
C THR C 231 16.65 10.13 19.04
N ILE C 232 17.29 9.70 17.95
CA ILE C 232 17.16 10.32 16.64
C ILE C 232 16.52 9.31 15.69
N VAL C 233 15.49 9.72 14.96
CA VAL C 233 14.80 8.88 14.01
C VAL C 233 14.98 9.49 12.63
N PRO C 234 15.63 8.79 11.69
CA PRO C 234 15.85 9.37 10.36
C PRO C 234 14.79 8.99 9.33
N MET C 235 14.34 9.97 8.55
CA MET C 235 13.35 9.75 7.50
C MET C 235 14.02 10.05 6.15
N ILE C 236 13.59 9.35 5.10
CA ILE C 236 14.23 9.50 3.80
C ILE C 236 13.18 9.53 2.70
N ALA C 237 13.28 10.53 1.82
CA ALA C 237 12.39 10.67 0.68
C ALA C 237 13.22 11.20 -0.49
N ALA C 238 12.68 11.04 -1.69
CA ALA C 238 13.37 11.51 -2.87
C ALA C 238 13.19 13.02 -3.04
N GLY C 239 14.22 13.66 -3.56
CA GLY C 239 14.18 15.08 -3.80
C GLY C 239 13.24 15.43 -4.96
N ASP C 240 13.16 16.72 -5.23
CA ASP C 240 12.23 17.21 -6.23
C ASP C 240 12.66 16.86 -7.66
N ASP C 241 13.96 16.65 -7.87
CA ASP C 241 14.54 16.44 -9.19
C ASP C 241 14.89 14.97 -9.44
N PHE C 242 14.20 14.05 -8.77
CA PHE C 242 14.54 12.63 -8.80
C PHE C 242 13.74 11.86 -9.85
N GLU C 243 14.43 10.94 -10.55
CA GLU C 243 13.83 10.19 -11.65
C GLU C 243 14.29 8.75 -11.63
N VAL C 244 13.47 7.86 -12.21
CA VAL C 244 13.79 6.45 -12.39
C VAL C 244 13.63 6.08 -13.85
N ALA C 245 14.37 5.05 -14.28
CA ALA C 245 14.63 4.86 -15.71
C ALA C 245 13.93 3.64 -16.31
N VAL C 246 14.49 2.44 -16.14
CA VAL C 246 14.01 1.31 -16.93
C VAL C 246 13.32 0.28 -16.03
N PRO C 247 12.15 -0.23 -16.43
CA PRO C 247 11.49 -1.25 -15.60
C PRO C 247 12.25 -2.57 -15.61
N ALA C 248 12.50 -3.10 -14.42
CA ALA C 248 13.33 -4.29 -14.26
C ALA C 248 12.70 -5.20 -13.22
N GLN C 249 13.23 -6.42 -13.13
CA GLN C 249 12.77 -7.41 -12.18
C GLN C 249 12.77 -6.83 -10.77
N PRO C 250 11.62 -6.73 -10.12
CA PRO C 250 11.57 -6.09 -8.80
C PRO C 250 12.51 -6.77 -7.83
N ALA C 251 13.32 -5.96 -7.15
CA ALA C 251 14.26 -6.49 -6.16
C ALA C 251 13.56 -7.03 -4.94
N VAL C 252 12.25 -6.77 -4.81
CA VAL C 252 11.50 -7.08 -3.62
C VAL C 252 10.29 -7.92 -4.00
N GLY C 253 9.61 -8.43 -2.98
CA GLY C 253 8.34 -9.11 -3.16
C GLY C 253 7.47 -8.88 -1.94
N LEU C 254 6.17 -9.12 -2.11
CA LEU C 254 5.27 -8.96 -0.98
C LEU C 254 5.53 -10.03 0.07
N SER C 255 5.33 -9.66 1.32
CA SER C 255 5.49 -10.56 2.45
C SER C 255 4.18 -11.24 2.82
N ARG C 256 3.18 -11.19 1.94
CA ARG C 256 1.92 -11.90 2.06
C ARG C 256 2.16 -13.35 2.49
N ASN C 257 3.19 -13.95 1.89
CA ASN C 257 3.59 -15.32 2.21
C ASN C 257 5.12 -15.29 2.26
N ILE C 258 5.68 -15.32 3.46
CA ILE C 258 7.13 -15.13 3.65
C ILE C 258 7.86 -16.46 3.62
N ASP C 259 7.21 -17.51 3.13
CA ASP C 259 7.85 -18.81 3.06
C ASP C 259 8.71 -18.93 1.80
N VAL C 260 9.71 -19.83 1.86
CA VAL C 260 10.72 -19.93 0.82
C VAL C 260 11.26 -21.36 0.80
N ILE C 261 11.94 -21.72 -0.30
CA ILE C 261 12.40 -23.07 -0.57
C ILE C 261 13.86 -23.04 -1.03
N TYR C 262 14.80 -22.99 -0.08
CA TYR C 262 16.21 -22.93 -0.46
C TYR C 262 16.63 -24.23 -1.17
N PRO C 263 17.61 -24.17 -2.08
CA PRO C 263 18.04 -25.37 -2.81
C PRO C 263 18.69 -26.41 -1.90
#